data_8FSL
#
_entry.id   8FSL
#
_cell.length_a   114.116
_cell.length_b   114.116
_cell.length_c   340.740
_cell.angle_alpha   90.00
_cell.angle_beta   90.00
_cell.angle_gamma   90.00
#
_symmetry.space_group_name_H-M   'P 43 2 2'
#
loop_
_entity.id
_entity.type
_entity.pdbx_description
1 polymer 'VH domain'
2 polymer Mesothelin
#
loop_
_entity_poly.entity_id
_entity_poly.type
_entity_poly.pdbx_seq_one_letter_code
_entity_poly.pdbx_strand_id
1 'polypeptide(L)'
;DVQLVESGGGVVQPGRSLRLSCAASGFTFSSYA(MSE)HWVRQAPGKGLEWVSSISGNSLYKYYADSVKGRFTISRDDST
NTLYLQ(MSE)NSLRAEDTATYYCTRHWAVGNWGQGTLVTVSSS
;
A,C,D,B
2 'polypeptide(L)'
;TACPSGKKAREIDESLIFYKKWELEACVDAALLATQMDRVNAIPFTYEQLDVLKHKLDELYPQGYPESVIQHLGYLFLKM
SPEDIRKWNVTSLETLKALLEVNKGHEMSPQVATLIDRFVKGRGQLDKDTLDTLTAFYPGYLCSLSPEELSSVPPSSIWA
VRPQDLDTCDPRQLDVLYPKARLAFQNMNGSEYFVKIQSFLGGAPTEDLKALSQQNVSMDLATFMKLRTDAVLPLTVAEV
QKLLGPHVEGLKAEERHRPVRDWILRQRQDDLDTLGLGLQGGIPN
;
E,F
#
# COMPACT_ATOMS: atom_id res chain seq x y z
N ASP A 1 -8.83 -11.65 15.24
CA ASP A 1 -8.21 -12.94 14.97
C ASP A 1 -8.03 -13.84 16.19
N VAL A 2 -8.51 -15.07 16.09
CA VAL A 2 -8.59 -15.98 17.22
C VAL A 2 -7.25 -16.66 17.44
N GLN A 3 -6.67 -16.48 18.63
CA GLN A 3 -5.46 -17.22 18.94
C GLN A 3 -5.54 -17.74 20.37
N LEU A 4 -4.78 -18.81 20.60
CA LEU A 4 -4.68 -19.50 21.88
C LEU A 4 -3.20 -19.74 22.15
N VAL A 5 -2.78 -19.50 23.38
CA VAL A 5 -1.39 -19.65 23.75
C VAL A 5 -1.29 -20.55 24.99
N GLU A 6 -0.51 -21.61 24.90
CA GLU A 6 -0.30 -22.55 26.00
C GLU A 6 0.98 -22.17 26.70
N SER A 7 1.03 -22.45 28.00
CA SER A 7 2.20 -22.15 28.81
C SER A 7 2.12 -22.97 30.08
N GLY A 8 3.28 -23.15 30.72
CA GLY A 8 3.37 -23.83 32.01
C GLY A 8 4.17 -25.13 31.94
N GLY A 9 4.47 -25.57 30.73
CA GLY A 9 5.20 -26.81 30.59
C GLY A 9 6.63 -26.73 31.12
N GLY A 10 7.18 -27.89 31.44
CA GLY A 10 8.51 -28.00 32.01
C GLY A 10 8.67 -29.41 32.54
N VAL A 11 9.86 -29.72 33.03
CA VAL A 11 10.20 -31.08 33.46
C VAL A 11 10.03 -31.20 34.96
N VAL A 12 9.49 -32.32 35.42
CA VAL A 12 8.98 -32.41 36.78
C VAL A 12 9.19 -33.82 37.31
N GLN A 13 9.56 -33.90 38.58
CA GLN A 13 9.72 -35.17 39.27
C GLN A 13 8.42 -35.98 39.29
N PRO A 14 8.47 -37.26 39.01
CA PRO A 14 7.25 -38.07 38.90
C PRO A 14 6.48 -38.11 40.18
N GLY A 15 5.48 -37.27 40.32
CA GLY A 15 4.67 -37.31 41.51
C GLY A 15 4.42 -35.91 41.99
N ARG A 16 5.16 -34.96 41.40
CA ARG A 16 4.93 -33.56 41.75
C ARG A 16 3.72 -32.98 41.02
N SER A 17 3.64 -31.66 40.95
CA SER A 17 2.50 -30.98 40.36
C SER A 17 3.01 -29.92 39.41
N LEU A 18 2.13 -29.45 38.53
CA LEU A 18 2.53 -28.44 37.58
C LEU A 18 1.25 -27.94 36.96
N ARG A 19 1.13 -26.63 36.76
CA ARG A 19 -0.14 -26.05 36.30
C ARG A 19 0.07 -25.34 34.97
N LEU A 20 -0.84 -25.59 34.04
CA LEU A 20 -0.74 -25.03 32.71
C LEU A 20 -1.75 -23.89 32.57
N SER A 21 -1.61 -23.14 31.48
CA SER A 21 -2.53 -22.06 31.25
C SER A 21 -2.71 -21.87 29.75
N CYS A 22 -3.84 -21.28 29.38
CA CYS A 22 -4.14 -21.04 27.97
C CYS A 22 -4.69 -19.65 27.83
N ALA A 23 -3.98 -18.80 27.11
CA ALA A 23 -4.41 -17.42 26.97
C ALA A 23 -5.21 -17.31 25.67
N ALA A 24 -6.49 -17.04 25.83
CA ALA A 24 -7.43 -16.98 24.74
C ALA A 24 -7.69 -15.53 24.37
N SER A 25 -7.81 -15.29 23.08
CA SER A 25 -8.01 -13.96 22.58
C SER A 25 -8.72 -14.05 21.25
N GLY A 26 -9.61 -13.10 20.98
CA GLY A 26 -10.19 -12.98 19.66
C GLY A 26 -11.54 -13.62 19.48
N PHE A 27 -12.04 -14.34 20.48
CA PHE A 27 -13.38 -14.91 20.47
C PHE A 27 -14.05 -14.71 21.83
N THR A 28 -15.36 -14.48 21.84
CA THR A 28 -16.13 -14.39 23.07
C THR A 28 -15.82 -15.62 23.93
N PHE A 29 -15.00 -15.46 24.96
CA PHE A 29 -14.49 -16.64 25.65
C PHE A 29 -15.60 -17.43 26.32
N SER A 30 -16.50 -16.76 27.03
CA SER A 30 -17.48 -17.50 27.83
C SER A 30 -18.33 -18.40 26.97
N SER A 31 -18.47 -18.08 25.70
CA SER A 31 -19.35 -18.82 24.80
C SER A 31 -18.65 -20.00 24.13
N TYR A 32 -17.64 -20.58 24.75
CA TYR A 32 -17.03 -21.80 24.22
C TYR A 32 -16.72 -22.77 25.35
N ALA A 33 -17.08 -24.02 25.15
CA ALA A 33 -16.49 -25.00 26.02
C ALA A 33 -15.03 -25.06 25.64
N HIS A 35 -11.13 -27.13 25.83
CA HIS A 35 -10.56 -28.46 25.94
C HIS A 35 -9.07 -28.43 26.11
N TRP A 36 -8.58 -29.38 26.90
CA TRP A 36 -7.18 -29.70 26.96
C TRP A 36 -6.96 -31.00 26.19
N VAL A 37 -5.95 -31.02 25.36
CA VAL A 37 -5.61 -32.19 24.59
C VAL A 37 -4.10 -32.37 24.62
N ARG A 38 -3.62 -33.62 24.59
CA ARG A 38 -2.19 -33.88 24.72
C ARG A 38 -1.71 -34.87 23.68
N GLN A 39 -0.50 -34.67 23.17
CA GLN A 39 0.09 -35.58 22.18
C GLN A 39 1.38 -36.13 22.76
N ALA A 40 1.36 -37.40 23.21
CA ALA A 40 2.52 -38.09 23.79
C ALA A 40 3.45 -38.57 22.68
N PRO A 41 4.77 -38.42 22.82
CA PRO A 41 5.67 -38.60 21.65
C PRO A 41 5.45 -39.95 21.01
N GLY A 42 5.19 -39.94 19.70
CA GLY A 42 4.93 -41.16 19.00
C GLY A 42 3.47 -41.55 18.93
N LYS A 43 2.61 -40.91 19.71
CA LYS A 43 1.20 -41.24 19.75
C LYS A 43 0.35 -40.14 19.10
N GLY A 44 -0.96 -40.29 19.23
CA GLY A 44 -1.92 -39.39 18.63
C GLY A 44 -2.31 -38.27 19.55
N LEU A 45 -3.47 -37.70 19.28
CA LEU A 45 -3.99 -36.63 20.11
C LEU A 45 -4.94 -37.28 21.10
N GLU A 46 -4.84 -36.93 22.38
CA GLU A 46 -5.65 -37.56 23.43
C GLU A 46 -6.42 -36.49 24.17
N TRP A 47 -7.69 -36.73 24.38
CA TRP A 47 -8.52 -35.79 25.11
C TRP A 47 -8.16 -35.91 26.57
N VAL A 48 -8.05 -34.76 27.26
CA VAL A 48 -7.57 -34.82 28.63
C VAL A 48 -8.65 -34.34 29.56
N SER A 49 -9.17 -33.12 29.32
CA SER A 49 -10.18 -32.55 30.19
C SER A 49 -10.94 -31.46 29.45
N SER A 50 -12.12 -31.13 29.95
CA SER A 50 -12.90 -30.11 29.31
C SER A 50 -13.74 -29.41 30.35
N ILE A 51 -14.07 -28.13 30.10
CA ILE A 51 -14.93 -27.37 31.01
C ILE A 51 -15.93 -26.61 30.18
N SER A 52 -17.20 -26.64 30.60
CA SER A 52 -18.26 -25.99 29.86
C SER A 52 -18.01 -24.51 29.79
N GLY A 53 -18.71 -23.86 28.88
CA GLY A 53 -18.55 -22.42 28.74
C GLY A 53 -18.94 -21.61 29.96
N ASN A 54 -19.84 -22.13 30.81
CA ASN A 54 -20.26 -21.34 31.95
C ASN A 54 -19.56 -21.73 33.25
N SER A 55 -18.40 -22.39 33.18
CA SER A 55 -17.58 -22.79 34.32
C SER A 55 -18.32 -23.75 35.26
N LEU A 56 -19.46 -24.27 34.89
CA LEU A 56 -20.21 -25.10 35.81
C LEU A 56 -19.89 -26.59 35.70
N TYR A 57 -19.44 -27.08 34.55
CA TYR A 57 -19.33 -28.52 34.35
C TYR A 57 -17.93 -28.86 33.85
N LYS A 58 -17.18 -29.63 34.62
CA LYS A 58 -15.85 -30.06 34.21
C LYS A 58 -15.87 -31.53 33.89
N TYR A 59 -14.98 -31.98 32.99
CA TYR A 59 -14.99 -33.38 32.61
C TYR A 59 -13.57 -33.87 32.43
N TYR A 60 -13.35 -35.12 32.77
CA TYR A 60 -11.98 -35.61 32.69
C TYR A 60 -11.90 -37.00 32.06
N ALA A 61 -10.86 -37.18 31.27
CA ALA A 61 -10.57 -38.49 30.78
C ALA A 61 -10.22 -39.36 31.97
N ASP A 62 -10.39 -40.67 31.78
CA ASP A 62 -10.12 -41.60 32.87
C ASP A 62 -8.65 -41.56 33.27
N SER A 63 -7.76 -41.57 32.29
CA SER A 63 -6.34 -41.61 32.57
C SER A 63 -5.90 -40.48 33.48
N VAL A 64 -6.78 -39.52 33.75
CA VAL A 64 -6.33 -38.30 34.37
C VAL A 64 -7.30 -37.95 35.49
N LYS A 65 -8.44 -38.64 35.53
CA LYS A 65 -9.46 -38.37 36.53
C LYS A 65 -8.89 -38.48 37.94
N GLY A 66 -9.21 -37.49 38.77
CA GLY A 66 -8.79 -37.46 40.17
C GLY A 66 -7.47 -36.76 40.40
N ARG A 67 -6.58 -36.75 39.41
CA ARG A 67 -5.27 -36.12 39.56
C ARG A 67 -5.21 -34.73 38.95
N PHE A 68 -5.97 -34.47 37.89
CA PHE A 68 -5.97 -33.19 37.22
C PHE A 68 -7.26 -32.44 37.50
N THR A 69 -7.19 -31.10 37.55
CA THR A 69 -8.43 -30.35 37.66
C THR A 69 -8.36 -29.08 36.81
N ILE A 70 -9.42 -28.85 35.99
CA ILE A 70 -9.49 -27.78 34.99
C ILE A 70 -10.21 -26.58 35.58
N SER A 71 -9.79 -25.37 35.21
CA SER A 71 -10.40 -24.13 35.66
C SER A 71 -10.53 -23.14 34.51
N ARG A 72 -11.26 -22.08 34.76
CA ARG A 72 -11.48 -21.08 33.72
C ARG A 72 -11.77 -19.75 34.40
N ASP A 73 -10.92 -18.74 34.17
CA ASP A 73 -11.14 -17.37 34.65
C ASP A 73 -11.69 -16.52 33.50
N ASP A 74 -12.99 -16.19 33.56
CA ASP A 74 -13.60 -15.47 32.46
C ASP A 74 -13.07 -14.03 32.38
N SER A 75 -12.65 -13.47 33.52
CA SER A 75 -12.17 -12.09 33.56
C SER A 75 -10.92 -11.90 32.72
N THR A 76 -9.99 -12.85 32.82
CA THR A 76 -8.68 -12.68 32.21
C THR A 76 -8.55 -13.52 30.96
N ASN A 77 -9.63 -14.21 30.59
CA ASN A 77 -9.71 -14.99 29.36
C ASN A 77 -8.59 -15.99 29.31
N THR A 78 -8.42 -16.72 30.43
CA THR A 78 -7.41 -17.78 30.48
C THR A 78 -8.03 -19.04 31.06
N LEU A 79 -7.55 -20.17 30.54
CA LEU A 79 -7.97 -21.51 30.91
C LEU A 79 -6.78 -22.17 31.58
N TYR A 80 -7.03 -22.92 32.66
CA TYR A 80 -6.00 -23.54 33.45
C TYR A 80 -6.20 -25.05 33.54
N LEU A 81 -5.10 -25.78 33.75
CA LEU A 81 -5.13 -27.19 34.13
C LEU A 81 -4.09 -27.48 35.21
N GLN A 82 -4.56 -27.81 36.40
CA GLN A 82 -3.70 -28.17 37.52
C GLN A 82 -3.45 -29.66 37.43
N ASN A 84 -1.77 -32.69 39.25
CA ASN A 84 -1.22 -33.25 40.47
C ASN A 84 -0.83 -34.71 40.29
N SER A 85 0.15 -35.12 41.07
CA SER A 85 0.57 -36.51 41.09
C SER A 85 0.98 -36.98 39.69
N LEU A 86 1.80 -36.17 39.02
CA LEU A 86 2.18 -36.43 37.64
C LEU A 86 2.78 -37.82 37.49
N ARG A 87 2.19 -38.61 36.63
CA ARG A 87 2.81 -39.88 36.33
C ARG A 87 3.71 -39.68 35.12
N ALA A 88 4.38 -40.74 34.69
CA ALA A 88 5.28 -40.55 33.58
C ALA A 88 4.50 -40.57 32.29
N GLU A 89 3.42 -41.37 32.27
CA GLU A 89 2.50 -41.38 31.15
C GLU A 89 1.86 -40.02 30.90
N ASP A 90 1.91 -39.11 31.85
CA ASP A 90 1.43 -37.76 31.60
C ASP A 90 2.33 -36.99 30.66
N THR A 91 3.50 -37.51 30.31
CA THR A 91 4.40 -36.67 29.52
C THR A 91 3.89 -36.52 28.11
N ALA A 92 3.77 -35.27 27.66
CA ALA A 92 3.29 -34.94 26.32
C ALA A 92 3.41 -33.44 26.09
N THR A 93 3.04 -33.02 24.89
CA THR A 93 2.80 -31.62 24.61
C THR A 93 1.29 -31.40 24.75
N TYR A 94 0.94 -30.41 25.55
CA TYR A 94 -0.44 -30.19 25.93
C TYR A 94 -0.92 -28.98 25.15
N TYR A 95 -2.04 -29.15 24.47
CA TYR A 95 -2.65 -28.12 23.68
C TYR A 95 -4.03 -27.79 24.25
N CYS A 96 -4.44 -26.55 24.05
CA CYS A 96 -5.78 -26.14 24.42
C CYS A 96 -6.54 -25.73 23.16
N THR A 97 -7.76 -26.22 23.02
CA THR A 97 -8.57 -25.90 21.87
C THR A 97 -9.99 -25.67 22.36
N ARG A 98 -10.84 -25.13 21.49
CA ARG A 98 -12.21 -24.85 21.88
C ARG A 98 -13.20 -25.87 21.34
N HIS A 99 -12.73 -27.04 20.92
CA HIS A 99 -13.58 -28.10 20.37
C HIS A 99 -12.89 -29.45 20.25
N TRP A 100 -13.47 -30.52 20.79
CA TRP A 100 -12.95 -31.86 20.49
C TRP A 100 -14.06 -32.86 20.21
N ALA A 101 -13.73 -33.81 19.34
CA ALA A 101 -14.51 -35.00 19.02
C ALA A 101 -13.52 -36.15 18.89
N VAL A 102 -13.95 -37.35 19.30
CA VAL A 102 -13.00 -38.40 19.66
C VAL A 102 -12.28 -38.97 18.43
N GLY A 103 -12.99 -39.42 17.41
CA GLY A 103 -12.24 -40.20 16.45
C GLY A 103 -11.90 -39.61 15.10
N ASN A 104 -11.46 -38.36 15.05
CA ASN A 104 -11.36 -37.69 13.76
C ASN A 104 -9.99 -37.72 13.09
N TRP A 105 -9.05 -38.54 13.51
CA TRP A 105 -7.73 -38.43 12.90
C TRP A 105 -7.18 -39.78 12.46
N GLY A 106 -6.40 -39.75 11.40
CA GLY A 106 -5.74 -40.96 10.97
C GLY A 106 -4.54 -41.24 11.83
N GLN A 107 -3.80 -42.25 11.44
CA GLN A 107 -2.57 -42.63 12.12
C GLN A 107 -1.39 -41.83 11.61
N GLY A 108 -1.40 -41.48 10.34
CA GLY A 108 -0.33 -40.72 9.73
C GLY A 108 0.33 -41.50 8.60
N THR A 109 1.12 -40.76 7.83
CA THR A 109 2.08 -41.34 6.90
C THR A 109 3.34 -40.50 6.98
N LEU A 110 4.48 -41.12 6.74
CA LEU A 110 5.77 -40.46 6.83
C LEU A 110 6.27 -40.09 5.45
N VAL A 111 6.64 -38.84 5.26
CA VAL A 111 7.24 -38.39 4.01
C VAL A 111 8.65 -37.92 4.35
N THR A 112 9.63 -38.46 3.62
CA THR A 112 11.05 -38.25 3.93
C THR A 112 11.79 -37.63 2.75
N VAL A 113 12.22 -36.38 2.92
CA VAL A 113 13.03 -35.67 1.91
C VAL A 113 14.51 -35.86 2.26
N SER A 114 15.31 -36.24 1.26
CA SER A 114 16.71 -36.64 1.46
C SER A 114 17.65 -35.74 0.67
N ASP B 1 -17.00 -47.37 14.25
CA ASP B 1 -15.83 -47.76 13.48
C ASP B 1 -15.10 -46.57 12.80
N VAL B 2 -15.85 -45.54 12.38
CA VAL B 2 -15.36 -44.43 11.54
C VAL B 2 -14.15 -44.85 10.70
N GLN B 3 -12.94 -44.54 11.16
CA GLN B 3 -11.68 -44.92 10.52
C GLN B 3 -11.42 -44.32 9.14
N LEU B 4 -10.27 -43.66 9.04
CA LEU B 4 -9.79 -43.06 7.81
C LEU B 4 -8.29 -43.28 7.82
N VAL B 5 -7.76 -43.82 6.73
CA VAL B 5 -6.39 -44.31 6.72
C VAL B 5 -5.61 -43.69 5.55
N GLU B 6 -4.42 -43.18 5.87
CA GLU B 6 -3.54 -42.53 4.91
C GLU B 6 -2.57 -43.54 4.32
N SER B 7 -1.76 -43.07 3.37
CA SER B 7 -0.76 -43.88 2.68
C SER B 7 0.14 -42.96 1.86
N GLY B 8 1.31 -43.46 1.50
CA GLY B 8 2.11 -42.73 0.51
C GLY B 8 3.59 -42.49 0.73
N GLY B 9 3.96 -41.56 1.60
CA GLY B 9 5.32 -41.04 1.63
C GLY B 9 6.39 -42.05 2.05
N GLY B 10 7.60 -41.78 1.56
CA GLY B 10 8.80 -42.54 1.84
C GLY B 10 9.73 -42.43 0.64
N VAL B 11 10.97 -41.95 0.82
CA VAL B 11 11.92 -41.75 -0.29
C VAL B 11 11.44 -40.54 -1.12
N VAL B 12 12.26 -39.48 -1.17
CA VAL B 12 11.84 -38.24 -1.82
C VAL B 12 13.07 -37.40 -2.14
N GLN B 13 13.38 -37.24 -3.44
CA GLN B 13 14.46 -36.38 -3.89
C GLN B 13 13.98 -34.92 -3.96
N PRO B 14 14.71 -33.95 -3.36
CA PRO B 14 14.14 -32.60 -3.18
C PRO B 14 13.83 -31.90 -4.50
N GLY B 15 12.59 -31.99 -4.96
CA GLY B 15 12.17 -31.34 -6.19
C GLY B 15 11.28 -32.22 -7.03
N ARG B 16 11.18 -33.49 -6.64
CA ARG B 16 10.33 -34.45 -7.33
C ARG B 16 8.87 -34.24 -6.93
N SER B 17 8.04 -35.25 -7.07
CA SER B 17 6.61 -35.17 -6.76
C SER B 17 6.22 -36.32 -5.85
N LEU B 18 5.03 -36.19 -5.25
CA LEU B 18 4.51 -37.25 -4.40
C LEU B 18 3.03 -37.01 -4.15
N ARG B 19 2.24 -38.08 -4.17
CA ARG B 19 0.81 -38.01 -3.99
C ARG B 19 0.44 -38.87 -2.79
N LEU B 20 -0.33 -38.31 -1.87
CA LEU B 20 -0.80 -39.07 -0.72
C LEU B 20 -2.29 -39.32 -0.86
N SER B 21 -2.80 -40.25 -0.05
CA SER B 21 -4.21 -40.58 -0.16
C SER B 21 -4.75 -41.05 1.19
N CYS B 22 -6.06 -40.90 1.33
CA CYS B 22 -6.77 -41.21 2.57
C CYS B 22 -8.02 -42.01 2.23
N ALA B 23 -8.14 -43.20 2.79
CA ALA B 23 -9.30 -44.03 2.55
C ALA B 23 -10.29 -43.77 3.69
N ALA B 24 -11.47 -43.27 3.34
CA ALA B 24 -12.48 -42.90 4.31
C ALA B 24 -13.56 -43.96 4.39
N SER B 25 -14.10 -44.12 5.58
CA SER B 25 -15.05 -45.19 5.85
C SER B 25 -15.91 -44.80 7.05
N GLY B 26 -17.15 -45.27 7.06
CA GLY B 26 -17.95 -45.24 8.27
C GLY B 26 -18.76 -43.99 8.49
N PHE B 27 -18.50 -42.93 7.75
CA PHE B 27 -19.28 -41.70 7.79
C PHE B 27 -19.61 -41.23 6.38
N THR B 28 -20.76 -40.57 6.23
CA THR B 28 -21.04 -39.88 4.98
C THR B 28 -19.87 -38.98 4.58
N PHE B 29 -19.04 -39.43 3.65
CA PHE B 29 -17.80 -38.70 3.35
C PHE B 29 -18.12 -37.29 2.91
N SER B 30 -19.18 -37.15 2.11
CA SER B 30 -19.50 -35.90 1.43
C SER B 30 -19.74 -34.77 2.40
N SER B 31 -20.39 -35.05 3.51
CA SER B 31 -20.83 -33.98 4.36
C SER B 31 -19.82 -33.55 5.42
N TYR B 32 -18.53 -33.81 5.23
CA TYR B 32 -17.51 -33.28 6.14
C TYR B 32 -16.36 -32.74 5.32
N ALA B 33 -15.90 -31.53 5.65
CA ALA B 33 -14.68 -31.06 5.03
C ALA B 33 -13.48 -31.87 5.53
N HIS B 35 -9.10 -32.38 5.90
CA HIS B 35 -7.93 -31.53 6.11
C HIS B 35 -6.70 -32.40 6.14
N TRP B 36 -5.59 -31.87 5.63
CA TRP B 36 -4.27 -32.46 5.81
C TRP B 36 -3.56 -31.63 6.85
N VAL B 37 -2.97 -32.28 7.86
CA VAL B 37 -2.30 -31.60 8.96
C VAL B 37 -0.92 -32.21 9.08
N ARG B 38 0.04 -31.38 9.41
CA ARG B 38 1.44 -31.71 9.22
C ARG B 38 2.14 -31.70 10.56
N GLN B 39 2.91 -32.76 10.84
CA GLN B 39 3.66 -32.94 12.08
C GLN B 39 5.13 -33.09 11.73
N ALA B 40 5.89 -32.01 11.85
CA ALA B 40 7.32 -32.11 11.58
C ALA B 40 8.01 -32.67 12.82
N PRO B 41 8.71 -33.80 12.73
CA PRO B 41 9.18 -34.47 13.96
C PRO B 41 10.07 -33.54 14.75
N GLY B 42 9.68 -33.32 16.00
CA GLY B 42 10.34 -32.41 16.91
C GLY B 42 9.73 -31.03 17.02
N LYS B 43 8.92 -30.59 16.06
CA LYS B 43 8.11 -29.37 16.26
C LYS B 43 6.63 -29.74 16.28
N GLY B 44 5.78 -28.75 16.55
CA GLY B 44 4.36 -29.01 16.63
C GLY B 44 3.74 -29.35 15.27
N LEU B 45 2.41 -29.37 15.27
CA LEU B 45 1.67 -29.71 14.07
C LEU B 45 1.04 -28.47 13.44
N GLU B 46 1.10 -28.41 12.10
CA GLU B 46 0.63 -27.26 11.34
C GLU B 46 -0.35 -27.71 10.27
N TRP B 47 -1.46 -26.97 10.13
CA TRP B 47 -2.42 -27.29 9.09
C TRP B 47 -1.80 -26.91 7.76
N VAL B 48 -2.06 -27.74 6.75
CA VAL B 48 -1.46 -27.57 5.43
C VAL B 48 -2.53 -27.32 4.35
N SER B 49 -3.63 -28.09 4.37
CA SER B 49 -4.64 -27.98 3.34
C SER B 49 -6.00 -28.41 3.86
N SER B 50 -7.05 -27.94 3.20
CA SER B 50 -8.39 -28.31 3.57
C SER B 50 -9.27 -28.18 2.34
N ILE B 51 -10.30 -29.01 2.25
CA ILE B 51 -11.23 -28.94 1.13
C ILE B 51 -12.64 -29.10 1.69
N SER B 52 -13.56 -28.25 1.23
CA SER B 52 -14.93 -28.25 1.73
C SER B 52 -15.62 -29.56 1.40
N GLY B 53 -16.79 -29.80 2.02
CA GLY B 53 -17.48 -31.05 1.78
C GLY B 53 -17.92 -31.23 0.34
N ASN B 54 -18.27 -30.13 -0.32
CA ASN B 54 -18.72 -30.15 -1.70
C ASN B 54 -17.61 -29.84 -2.67
N SER B 55 -16.37 -30.13 -2.34
CA SER B 55 -15.24 -30.01 -3.26
C SER B 55 -15.09 -28.61 -3.85
N LEU B 56 -15.81 -27.63 -3.31
CA LEU B 56 -15.92 -26.32 -3.92
C LEU B 56 -14.84 -25.35 -3.48
N TYR B 57 -14.31 -25.54 -2.29
CA TYR B 57 -13.39 -24.59 -1.68
C TYR B 57 -12.11 -25.28 -1.24
N LYS B 58 -10.98 -24.90 -1.82
CA LYS B 58 -9.69 -25.40 -1.35
C LYS B 58 -8.96 -24.29 -0.57
N TYR B 59 -8.09 -24.70 0.37
CA TYR B 59 -7.28 -23.76 1.15
C TYR B 59 -5.92 -24.36 1.42
N TYR B 60 -4.87 -23.54 1.34
CA TYR B 60 -3.50 -24.00 1.51
C TYR B 60 -2.72 -23.01 2.36
N ALA B 61 -1.83 -23.52 3.22
CA ALA B 61 -0.93 -22.64 3.97
C ALA B 61 0.15 -22.07 3.06
N ASP B 62 0.68 -20.89 3.42
CA ASP B 62 1.61 -20.17 2.55
C ASP B 62 2.85 -21.01 2.26
N SER B 63 3.33 -21.76 3.25
CA SER B 63 4.49 -22.62 3.12
C SER B 63 4.32 -23.61 1.98
N VAL B 64 3.11 -23.71 1.45
CA VAL B 64 2.76 -24.79 0.54
C VAL B 64 2.06 -24.26 -0.71
N LYS B 65 1.65 -23.00 -0.68
CA LYS B 65 0.95 -22.42 -1.82
C LYS B 65 1.78 -22.64 -3.08
N GLY B 66 1.11 -23.09 -4.13
CA GLY B 66 1.75 -23.31 -5.40
C GLY B 66 2.39 -24.68 -5.52
N ARG B 67 2.78 -25.27 -4.40
CA ARG B 67 3.45 -26.56 -4.42
C ARG B 67 2.51 -27.75 -4.17
N PHE B 68 1.45 -27.59 -3.38
CA PHE B 68 0.49 -28.66 -3.09
C PHE B 68 -0.87 -28.35 -3.69
N THR B 69 -1.60 -29.41 -4.07
CA THR B 69 -2.98 -29.28 -4.54
C THR B 69 -3.83 -30.45 -4.06
N ILE B 70 -4.95 -30.16 -3.38
CA ILE B 70 -5.81 -31.19 -2.80
C ILE B 70 -6.93 -31.52 -3.74
N SER B 71 -7.34 -32.77 -3.68
CA SER B 71 -8.53 -33.19 -4.37
C SER B 71 -9.27 -34.12 -3.45
N ARG B 72 -10.49 -34.46 -3.86
CA ARG B 72 -11.42 -35.25 -3.07
C ARG B 72 -12.32 -35.95 -4.06
N ASP B 73 -12.36 -37.28 -4.04
CA ASP B 73 -13.23 -38.05 -4.94
C ASP B 73 -14.47 -38.47 -4.15
N ASP B 74 -15.59 -37.77 -4.36
CA ASP B 74 -16.79 -38.10 -3.57
C ASP B 74 -17.39 -39.44 -3.94
N SER B 75 -17.14 -39.89 -5.16
CA SER B 75 -17.68 -41.18 -5.61
C SER B 75 -17.13 -42.30 -4.76
N THR B 76 -15.81 -42.32 -4.58
CA THR B 76 -15.13 -43.32 -3.76
C THR B 76 -14.43 -42.58 -2.61
N ASN B 77 -14.98 -42.75 -1.42
CA ASN B 77 -14.49 -42.19 -0.15
C ASN B 77 -12.97 -42.07 0.00
N THR B 78 -12.30 -41.22 -0.82
CA THR B 78 -10.88 -40.99 -0.66
C THR B 78 -10.48 -39.53 -0.83
N LEU B 79 -9.46 -39.13 -0.07
CA LEU B 79 -8.89 -37.80 -0.11
C LEU B 79 -7.46 -37.88 -0.62
N TYR B 80 -7.05 -36.90 -1.42
CA TYR B 80 -5.72 -36.84 -2.00
C TYR B 80 -5.04 -35.50 -1.70
N LEU B 81 -3.72 -35.53 -1.59
CA LEU B 81 -2.89 -34.32 -1.52
C LEU B 81 -1.70 -34.51 -2.44
N GLN B 82 -1.68 -33.73 -3.54
CA GLN B 82 -0.60 -33.79 -4.54
C GLN B 82 0.52 -32.82 -4.17
N ASN B 84 3.88 -31.39 -5.55
CA ASN B 84 4.92 -31.04 -6.49
C ASN B 84 5.88 -30.02 -5.87
N SER B 85 7.10 -30.01 -6.40
CA SER B 85 8.14 -29.06 -5.98
C SER B 85 8.46 -29.23 -4.49
N LEU B 86 8.64 -30.48 -4.09
CA LEU B 86 8.90 -30.84 -2.69
C LEU B 86 10.18 -30.18 -2.21
N ARG B 87 10.09 -29.40 -1.15
CA ARG B 87 11.26 -28.77 -0.56
C ARG B 87 11.79 -29.70 0.53
N ALA B 88 12.74 -29.22 1.34
CA ALA B 88 13.32 -30.08 2.37
C ALA B 88 12.55 -30.06 3.68
N GLU B 89 12.06 -28.89 4.09
CA GLU B 89 11.21 -28.75 5.28
C GLU B 89 9.91 -29.50 5.18
N ASP B 90 9.55 -29.98 3.99
CA ASP B 90 8.32 -30.74 3.82
C ASP B 90 8.38 -32.09 4.51
N THR B 91 9.56 -32.55 4.90
CA THR B 91 9.65 -33.90 5.43
C THR B 91 8.99 -33.90 6.80
N ALA B 92 7.98 -34.74 6.96
CA ALA B 92 7.20 -34.77 8.20
C ALA B 92 6.22 -35.93 8.12
N THR B 93 5.41 -36.05 9.16
CA THR B 93 4.33 -37.02 9.22
C THR B 93 3.02 -36.34 8.83
N TYR B 94 2.29 -36.95 7.90
CA TYR B 94 1.10 -36.34 7.31
C TYR B 94 -0.16 -37.04 7.76
N TYR B 95 -1.05 -36.29 8.42
CA TYR B 95 -2.29 -36.84 8.91
C TYR B 95 -3.46 -36.29 8.11
N CYS B 96 -4.47 -37.11 7.94
CA CYS B 96 -5.70 -36.70 7.29
C CYS B 96 -6.82 -36.75 8.32
N THR B 97 -7.55 -35.66 8.48
CA THR B 97 -8.56 -35.58 9.52
C THR B 97 -9.77 -34.87 8.98
N ARG B 98 -10.89 -35.03 9.68
CA ARG B 98 -12.13 -34.36 9.39
C ARG B 98 -12.49 -33.37 10.49
N HIS B 99 -11.54 -33.11 11.37
CA HIS B 99 -11.79 -32.38 12.59
C HIS B 99 -12.28 -30.98 12.28
N TRP B 100 -13.38 -30.59 12.90
CA TRP B 100 -13.98 -29.25 12.72
C TRP B 100 -13.12 -28.08 13.19
N ALA B 101 -11.98 -28.30 13.85
CA ALA B 101 -11.27 -27.17 14.44
C ALA B 101 -9.92 -26.94 13.85
N VAL B 102 -9.23 -28.00 13.43
CA VAL B 102 -7.85 -28.02 12.96
C VAL B 102 -7.07 -26.72 13.10
N GLY B 103 -6.04 -26.76 13.92
CA GLY B 103 -5.24 -25.58 14.19
C GLY B 103 -5.89 -24.63 15.16
N ASN B 104 -6.76 -25.14 16.01
CA ASN B 104 -7.37 -24.34 17.05
C ASN B 104 -6.57 -24.52 18.34
N TRP B 105 -5.28 -24.23 18.23
CA TRP B 105 -4.36 -24.50 19.32
C TRP B 105 -3.11 -23.67 19.09
N GLY B 106 -2.43 -23.40 20.17
CA GLY B 106 -1.14 -22.76 20.11
C GLY B 106 -0.06 -23.75 19.71
N GLN B 107 1.16 -23.39 20.06
CA GLN B 107 2.28 -24.29 19.88
C GLN B 107 2.37 -25.34 20.98
N GLY B 108 1.43 -25.34 21.93
CA GLY B 108 1.44 -26.30 23.01
C GLY B 108 2.59 -26.02 23.96
N THR B 109 2.56 -26.63 25.15
CA THR B 109 3.72 -26.62 26.01
C THR B 109 4.05 -28.05 26.34
N LEU B 110 5.34 -28.29 26.52
CA LEU B 110 5.84 -29.63 26.66
C LEU B 110 5.94 -29.94 28.13
N VAL B 111 5.33 -31.04 28.54
CA VAL B 111 5.38 -31.51 29.91
C VAL B 111 6.16 -32.79 29.90
N THR B 112 7.27 -32.83 30.66
CA THR B 112 8.14 -34.01 30.73
C THR B 112 8.18 -34.52 32.16
N VAL B 113 7.68 -35.72 32.38
CA VAL B 113 7.71 -36.31 33.70
C VAL B 113 8.82 -37.37 33.75
N SER B 114 9.88 -37.07 34.51
CA SER B 114 10.93 -37.93 35.07
C SER B 114 12.29 -37.59 34.48
N SER B 115 13.29 -37.44 35.36
CA SER B 115 14.69 -37.29 34.94
C SER B 115 15.57 -38.21 35.78
N VAL C 2 16.78 48.20 -12.08
CA VAL C 2 17.85 48.29 -11.09
C VAL C 2 17.35 47.66 -9.77
N GLN C 3 16.13 48.00 -9.35
CA GLN C 3 15.64 47.71 -8.00
C GLN C 3 14.27 47.04 -8.03
N LEU C 4 13.83 46.56 -6.87
CA LEU C 4 12.56 45.88 -6.73
C LEU C 4 12.07 45.97 -5.30
N VAL C 5 10.79 46.35 -5.13
CA VAL C 5 10.27 46.80 -3.84
C VAL C 5 9.15 45.88 -3.37
N GLU C 6 9.05 45.73 -2.04
CA GLU C 6 7.95 45.01 -1.41
C GLU C 6 6.90 45.98 -0.88
N SER C 7 6.27 45.62 0.25
CA SER C 7 5.21 46.31 1.00
C SER C 7 4.10 45.34 1.37
N GLY C 8 3.33 45.66 2.41
CA GLY C 8 2.10 44.93 2.64
C GLY C 8 1.74 44.61 4.08
N GLY C 9 2.61 43.90 4.79
CA GLY C 9 2.26 43.28 6.05
C GLY C 9 2.76 44.03 7.28
N GLY C 10 2.01 43.88 8.37
CA GLY C 10 2.36 44.50 9.64
C GLY C 10 1.60 43.99 10.85
N VAL C 11 0.29 44.24 10.90
CA VAL C 11 -0.54 43.98 12.07
C VAL C 11 -1.54 42.88 11.71
N VAL C 12 -1.24 41.64 12.14
CA VAL C 12 -2.01 40.44 11.77
C VAL C 12 -2.80 39.94 12.97
N GLN C 13 -4.11 40.17 12.95
CA GLN C 13 -5.01 39.66 13.98
C GLN C 13 -5.09 38.14 13.88
N PRO C 14 -4.38 37.40 14.78
CA PRO C 14 -4.09 35.98 14.53
C PRO C 14 -5.25 35.10 14.08
N GLY C 15 -5.81 35.40 12.91
CA GLY C 15 -6.88 34.60 12.34
C GLY C 15 -7.19 34.85 10.89
N ARG C 16 -7.30 36.11 10.48
CA ARG C 16 -7.85 36.46 9.18
C ARG C 16 -6.81 36.47 8.05
N SER C 17 -6.85 37.49 7.18
CA SER C 17 -6.13 37.42 5.91
C SER C 17 -5.75 38.81 5.42
N LEU C 18 -4.72 38.86 4.58
CA LEU C 18 -4.26 40.10 3.95
C LEU C 18 -3.71 39.77 2.57
N ARG C 19 -3.01 40.74 1.96
CA ARG C 19 -2.35 40.54 0.69
C ARG C 19 -1.03 41.32 0.68
N LEU C 20 0.02 40.70 0.17
CA LEU C 20 1.30 41.37 -0.02
C LEU C 20 1.50 41.70 -1.49
N SER C 21 2.50 42.55 -1.75
CA SER C 21 2.75 43.05 -3.10
C SER C 21 4.24 43.29 -3.28
N CYS C 22 4.69 43.24 -4.53
CA CYS C 22 6.10 43.44 -4.85
C CYS C 22 6.18 44.03 -6.24
N ALA C 23 6.51 45.32 -6.32
CA ALA C 23 6.63 46.02 -7.60
C ALA C 23 8.10 46.10 -7.97
N ALA C 24 8.50 45.37 -8.99
CA ALA C 24 9.87 45.39 -9.47
C ALA C 24 9.98 46.26 -10.70
N SER C 25 11.17 46.81 -10.92
CA SER C 25 11.40 47.77 -11.99
C SER C 25 12.85 47.70 -12.43
N GLY C 26 13.06 47.64 -13.75
CA GLY C 26 14.40 47.73 -14.30
C GLY C 26 14.95 46.46 -14.90
N PHE C 27 14.12 45.45 -15.14
CA PHE C 27 14.55 44.28 -15.88
C PHE C 27 13.35 43.70 -16.61
N THR C 28 13.62 42.76 -17.52
CA THR C 28 12.53 42.03 -18.15
C THR C 28 11.82 41.19 -17.09
N PHE C 29 10.65 41.66 -16.65
CA PHE C 29 9.95 40.97 -15.57
C PHE C 29 9.49 39.59 -16.01
N SER C 30 8.86 39.50 -17.17
CA SER C 30 8.27 38.25 -17.61
C SER C 30 9.33 37.18 -17.80
N SER C 31 10.60 37.51 -17.58
CA SER C 31 11.70 36.59 -17.87
C SER C 31 12.30 35.94 -16.62
N TYR C 32 11.85 36.31 -15.43
CA TYR C 32 12.43 35.76 -14.22
C TYR C 32 11.34 35.15 -13.36
N ALA C 33 11.56 33.91 -12.95
CA ALA C 33 10.67 33.26 -12.00
C ALA C 33 10.79 33.96 -10.66
N HIS C 35 9.87 34.50 -6.60
CA HIS C 35 9.72 33.65 -5.43
C HIS C 35 9.25 34.49 -4.26
N TRP C 36 9.03 33.82 -3.12
CA TRP C 36 8.76 34.47 -1.84
C TRP C 36 9.39 33.64 -0.74
N VAL C 37 10.18 34.30 0.11
CA VAL C 37 11.05 33.60 1.05
C VAL C 37 11.02 34.32 2.39
N ARG C 38 11.18 33.55 3.47
CA ARG C 38 11.16 34.10 4.83
C ARG C 38 11.99 33.28 5.80
N LEU C 45 15.69 30.94 8.37
CA LEU C 45 15.42 31.09 6.94
C LEU C 45 14.57 29.94 6.38
N GLU C 46 13.56 30.30 5.59
CA GLU C 46 12.59 29.33 5.08
C GLU C 46 11.93 29.90 3.83
N TRP C 47 11.54 28.99 2.94
CA TRP C 47 10.98 29.30 1.61
C TRP C 47 9.46 29.11 1.60
N VAL C 48 8.76 29.93 0.82
CA VAL C 48 7.29 29.89 0.78
C VAL C 48 6.75 29.43 -0.57
N SER C 49 6.79 30.30 -1.58
CA SER C 49 6.09 30.02 -2.84
C SER C 49 6.89 30.59 -4.01
N SER C 50 6.36 30.36 -5.23
CA SER C 50 7.07 30.65 -6.47
C SER C 50 6.08 30.76 -7.62
N ILE C 51 6.36 31.68 -8.54
CA ILE C 51 5.59 31.84 -9.77
C ILE C 51 6.57 31.78 -10.94
N SER C 52 6.25 30.98 -11.95
CA SER C 52 7.18 30.83 -13.04
C SER C 52 7.29 32.15 -13.80
N GLY C 53 8.09 32.17 -14.87
CA GLY C 53 8.19 33.39 -15.66
C GLY C 53 6.84 33.81 -16.22
N ASN C 54 6.06 32.83 -16.70
CA ASN C 54 4.84 33.05 -17.46
C ASN C 54 3.58 32.69 -16.67
N SER C 55 3.68 32.68 -15.34
CA SER C 55 2.56 32.46 -14.43
C SER C 55 1.92 31.08 -14.60
N LEU C 56 2.40 30.25 -15.53
CA LEU C 56 1.82 28.93 -15.76
C LEU C 56 2.11 27.90 -14.67
N TYR C 57 3.13 28.12 -13.83
CA TYR C 57 3.51 27.14 -12.82
C TYR C 57 3.67 27.83 -11.46
N LYS C 58 2.74 27.57 -10.54
CA LYS C 58 2.80 28.08 -9.18
C LYS C 58 3.27 26.95 -8.26
N TYR C 59 4.04 27.31 -7.24
CA TYR C 59 4.57 26.32 -6.31
C TYR C 59 4.51 26.86 -4.89
N TYR C 60 4.18 26.00 -3.92
CA TYR C 60 4.09 26.45 -2.54
C TYR C 60 4.65 25.39 -1.60
N ALA C 61 5.08 25.87 -0.43
CA ALA C 61 5.70 25.04 0.59
C ALA C 61 4.64 24.25 1.35
N ASP C 62 4.99 23.00 1.68
CA ASP C 62 4.01 22.09 2.29
C ASP C 62 3.29 22.76 3.45
N SER C 63 4.05 23.39 4.34
CA SER C 63 3.50 24.03 5.53
C SER C 63 2.86 25.37 5.21
N VAL C 64 2.06 25.44 4.15
CA VAL C 64 1.57 26.70 3.63
C VAL C 64 0.43 26.45 2.63
N LYS C 65 0.45 25.28 1.99
CA LYS C 65 -0.39 25.00 0.83
C LYS C 65 -1.85 25.29 1.14
N GLY C 66 -2.57 25.74 0.12
CA GLY C 66 -4.01 25.96 0.25
C GLY C 66 -4.39 27.26 0.95
N ARG C 67 -3.45 27.80 1.74
CA ARG C 67 -3.68 29.06 2.45
C ARG C 67 -3.13 30.27 1.72
N PHE C 68 -2.19 30.11 0.78
CA PHE C 68 -1.54 31.23 0.10
C PHE C 68 -1.74 31.15 -1.42
N THR C 69 -1.42 32.23 -2.12
CA THR C 69 -1.63 32.31 -3.57
C THR C 69 -0.76 33.39 -4.17
N ILE C 70 0.17 32.98 -5.05
CA ILE C 70 0.99 33.93 -5.80
C ILE C 70 0.23 34.35 -7.05
N SER C 71 0.08 35.66 -7.23
CA SER C 71 -0.35 36.26 -8.47
C SER C 71 0.85 36.89 -9.16
N ARG C 72 0.64 37.32 -10.40
CA ARG C 72 1.69 38.02 -11.11
C ARG C 72 1.04 38.78 -12.26
N ASP C 73 1.23 40.10 -12.30
CA ASP C 73 0.74 40.94 -13.38
C ASP C 73 1.93 41.38 -14.22
N ASP C 74 2.11 40.71 -15.36
CA ASP C 74 3.26 40.96 -16.23
C ASP C 74 3.25 42.39 -16.77
N SER C 75 2.07 42.99 -16.92
CA SER C 75 1.99 44.33 -17.49
C SER C 75 2.33 45.40 -16.46
N THR C 76 2.02 45.20 -15.19
CA THR C 76 2.32 46.20 -14.17
C THR C 76 3.55 45.86 -13.35
N ASN C 77 4.30 44.82 -13.74
CA ASN C 77 5.54 44.45 -13.05
C ASN C 77 5.31 44.39 -11.54
N THR C 78 4.39 43.51 -11.12
CA THR C 78 4.05 43.39 -9.71
C THR C 78 3.73 41.95 -9.35
N LEU C 79 4.29 41.51 -8.22
CA LEU C 79 3.95 40.26 -7.56
C LEU C 79 2.86 40.48 -6.52
N TYR C 80 2.11 39.42 -6.22
CA TYR C 80 1.11 39.42 -5.15
C TYR C 80 1.15 38.08 -4.45
N LEU C 81 1.16 38.09 -3.11
CA LEU C 81 1.06 36.87 -2.31
C LEU C 81 -0.19 36.97 -1.45
N GLN C 82 -1.30 36.43 -1.97
CA GLN C 82 -2.55 36.34 -1.23
C GLN C 82 -2.40 35.38 -0.05
N ASN C 84 -4.11 33.63 3.78
CA ASN C 84 -5.33 33.25 4.50
C ASN C 84 -4.96 32.38 5.70
N SER C 85 -5.89 32.30 6.64
CA SER C 85 -5.77 31.47 7.85
C SER C 85 -4.37 31.56 8.44
N LEU C 86 -3.95 32.80 8.69
CA LEU C 86 -2.65 33.01 9.31
C LEU C 86 -2.63 32.42 10.72
N ARG C 87 -1.54 31.74 11.06
CA ARG C 87 -1.13 31.55 12.44
C ARG C 87 0.07 32.45 12.70
N ASP C 90 3.95 31.47 12.49
CA ASP C 90 4.69 31.65 11.25
C ASP C 90 5.04 33.12 11.04
N THR C 91 4.94 33.89 12.12
CA THR C 91 5.17 35.33 12.08
C THR C 91 6.66 35.61 11.93
N ALA C 92 7.10 35.90 10.69
CA ALA C 92 8.48 36.31 10.44
C ALA C 92 8.56 37.42 9.41
N THR C 93 9.66 37.45 8.66
CA THR C 93 9.91 38.52 7.71
C THR C 93 9.89 37.98 6.29
N TYR C 94 9.12 38.62 5.41
CA TYR C 94 8.78 38.08 4.08
C TYR C 94 9.57 38.82 2.99
N TYR C 95 10.59 38.15 2.44
CA TYR C 95 11.41 38.75 1.40
C TYR C 95 10.96 38.27 0.01
N CYS C 96 11.22 39.13 -0.99
CA CYS C 96 10.73 38.94 -2.36
C CYS C 96 11.91 38.92 -3.32
N THR C 97 12.42 37.74 -3.64
CA THR C 97 13.61 37.62 -4.47
C THR C 97 13.27 37.27 -5.91
N ARG C 98 14.32 37.05 -6.71
CA ARG C 98 14.19 36.59 -8.09
C ARG C 98 15.33 35.63 -8.41
N HIS C 99 16.11 35.25 -7.40
CA HIS C 99 17.19 34.27 -7.40
C HIS C 99 16.92 33.00 -8.21
N TRP C 100 17.94 32.16 -8.30
CA TRP C 100 17.82 30.87 -8.97
C TRP C 100 18.18 29.73 -8.04
N ALA C 101 18.54 30.01 -6.80
CA ALA C 101 18.76 28.98 -5.80
C ALA C 101 17.66 28.94 -4.75
N VAL C 102 17.20 30.13 -4.34
CA VAL C 102 16.05 30.36 -3.47
C VAL C 102 15.81 29.19 -2.54
N GLY C 103 16.78 28.91 -1.70
CA GLY C 103 16.73 27.78 -0.81
C GLY C 103 17.78 26.73 -1.06
N ASN C 104 18.86 27.06 -1.77
CA ASN C 104 19.92 26.08 -2.03
C ASN C 104 20.93 26.06 -0.88
N TRP C 105 20.45 25.66 0.29
CA TRP C 105 21.26 25.60 1.49
C TRP C 105 20.56 24.74 2.53
N GLY C 106 21.27 24.50 3.63
CA GLY C 106 20.68 23.87 4.80
C GLY C 106 20.53 24.88 5.93
N GLN C 107 21.23 24.65 7.04
CA GLN C 107 21.19 25.55 8.19
C GLN C 107 22.62 25.87 8.65
N THR D 1 -27.74 -52.94 16.94
CA THR D 1 -29.02 -53.65 16.84
C THR D 1 -29.64 -54.02 18.21
N ALA D 2 -30.75 -53.33 18.56
CA ALA D 2 -31.65 -53.66 19.67
C ALA D 2 -32.74 -52.58 19.81
N CYS D 3 -33.14 -52.27 21.08
CA CYS D 3 -34.05 -51.18 21.44
C CYS D 3 -34.23 -50.93 22.95
N PRO D 4 -33.37 -51.50 23.89
CA PRO D 4 -33.45 -51.05 25.29
C PRO D 4 -32.10 -50.77 25.95
N SER D 5 -32.13 -50.49 27.25
CA SER D 5 -30.96 -49.97 27.96
C SER D 5 -30.10 -51.02 28.67
N GLY D 6 -30.42 -51.31 29.93
CA GLY D 6 -29.55 -52.04 30.85
C GLY D 6 -29.10 -51.23 32.07
N LYS D 7 -29.23 -49.90 32.00
CA LYS D 7 -28.57 -48.96 32.89
C LYS D 7 -29.12 -47.54 32.70
N LYS D 8 -29.77 -47.29 31.56
CA LYS D 8 -30.31 -46.01 31.06
C LYS D 8 -29.22 -44.95 31.16
N ALA D 9 -29.62 -43.70 31.44
CA ALA D 9 -28.71 -42.56 31.50
C ALA D 9 -29.41 -41.27 31.91
N ARG D 10 -28.84 -40.56 32.87
CA ARG D 10 -29.56 -39.43 33.44
C ARG D 10 -28.67 -38.21 33.66
N GLU D 11 -27.58 -38.06 32.89
CA GLU D 11 -26.82 -36.83 33.14
C GLU D 11 -26.11 -36.17 31.96
N ILE D 12 -26.00 -36.80 30.79
CA ILE D 12 -25.20 -36.20 29.70
C ILE D 12 -23.79 -35.90 30.20
N ASP D 13 -22.89 -36.87 30.09
CA ASP D 13 -21.57 -36.68 30.68
C ASP D 13 -20.60 -37.59 29.95
N GLU D 14 -19.32 -37.45 30.31
CA GLU D 14 -18.24 -38.10 29.58
C GLU D 14 -18.46 -39.59 29.33
N SER D 15 -19.36 -40.25 30.06
CA SER D 15 -19.59 -41.68 29.83
C SER D 15 -20.13 -41.93 28.44
N LEU D 16 -20.92 -41.00 27.91
CA LEU D 16 -21.73 -41.27 26.75
C LEU D 16 -20.88 -41.56 25.53
N ILE D 17 -19.65 -41.05 25.48
CA ILE D 17 -18.86 -41.18 24.25
C ILE D 17 -18.55 -42.64 23.95
N PHE D 18 -18.71 -43.53 24.93
CA PHE D 18 -18.44 -44.95 24.76
C PHE D 18 -19.67 -45.76 24.35
N TYR D 19 -20.84 -45.13 24.32
CA TYR D 19 -22.04 -45.79 23.84
C TYR D 19 -21.96 -46.10 22.33
N LYS D 20 -22.70 -47.11 21.90
CA LYS D 20 -22.90 -47.31 20.48
C LYS D 20 -24.08 -46.46 20.06
N LYS D 21 -24.22 -46.25 18.75
CA LYS D 21 -25.17 -45.27 18.27
C LYS D 21 -26.57 -45.57 18.78
N TRP D 22 -26.97 -46.83 18.74
CA TRP D 22 -28.32 -47.17 19.16
C TRP D 22 -28.50 -47.03 20.68
N GLU D 23 -27.45 -47.36 21.45
CA GLU D 23 -27.52 -47.23 22.90
C GLU D 23 -27.91 -45.81 23.29
N LEU D 24 -27.35 -44.86 22.56
CA LEU D 24 -27.64 -43.46 22.78
C LEU D 24 -29.10 -43.17 22.48
N GLU D 25 -29.60 -43.68 21.34
CA GLU D 25 -31.01 -43.56 21.01
C GLU D 25 -31.90 -44.21 22.06
N ALA D 26 -31.43 -45.29 22.69
CA ALA D 26 -32.24 -45.98 23.68
C ALA D 26 -32.21 -45.27 25.04
N CYS D 27 -31.04 -44.74 25.43
CA CYS D 27 -30.81 -44.36 26.82
C CYS D 27 -30.89 -42.86 27.10
N VAL D 28 -30.97 -41.99 26.10
CA VAL D 28 -30.97 -40.56 26.34
C VAL D 28 -32.35 -40.00 26.09
N ASP D 29 -33.03 -39.58 27.13
CA ASP D 29 -34.29 -38.86 26.90
C ASP D 29 -34.00 -37.52 26.24
N ALA D 30 -34.59 -37.30 25.07
CA ALA D 30 -34.41 -36.02 24.40
C ALA D 30 -34.69 -34.85 25.34
N ALA D 31 -35.75 -34.94 26.14
CA ALA D 31 -36.03 -33.81 27.00
C ALA D 31 -34.88 -33.51 27.95
N LEU D 32 -34.04 -34.50 28.26
CA LEU D 32 -32.88 -34.29 29.10
C LEU D 32 -31.77 -33.61 28.32
N LEU D 33 -31.49 -34.11 27.12
CA LEU D 33 -30.53 -33.47 26.23
C LEU D 33 -30.84 -31.99 26.09
N ALA D 34 -32.09 -31.67 25.82
CA ALA D 34 -32.43 -30.26 25.68
C ALA D 34 -32.15 -29.52 26.98
N THR D 35 -32.38 -30.17 28.11
CA THR D 35 -32.28 -29.43 29.35
C THR D 35 -30.85 -29.25 29.78
N GLN D 36 -29.93 -30.06 29.24
CA GLN D 36 -28.51 -29.88 29.53
C GLN D 36 -27.71 -29.53 28.28
N MET D 37 -28.22 -28.61 27.48
CA MET D 37 -27.55 -28.35 26.22
C MET D 37 -26.29 -27.57 26.43
N ASP D 38 -26.22 -26.83 27.54
CA ASP D 38 -25.06 -26.01 27.81
C ASP D 38 -23.82 -26.81 28.15
N ARG D 39 -23.85 -28.14 28.12
CA ARG D 39 -22.64 -28.87 28.44
C ARG D 39 -22.26 -29.91 27.39
N VAL D 40 -22.99 -29.94 26.27
CA VAL D 40 -22.71 -30.93 25.25
C VAL D 40 -21.38 -30.62 24.56
N ASN D 41 -21.13 -29.34 24.29
CA ASN D 41 -19.89 -29.03 23.62
C ASN D 41 -18.67 -29.32 24.50
N ALA D 42 -18.85 -29.54 25.81
CA ALA D 42 -17.71 -29.94 26.63
C ALA D 42 -17.41 -31.42 26.51
N ILE D 43 -18.39 -32.23 26.11
CA ILE D 43 -18.24 -33.67 26.03
C ILE D 43 -17.81 -34.05 24.63
N PRO D 44 -16.66 -34.62 24.44
CA PRO D 44 -16.14 -34.85 23.09
C PRO D 44 -16.86 -35.92 22.28
N PHE D 45 -18.19 -35.84 22.14
CA PHE D 45 -18.93 -36.82 21.33
C PHE D 45 -18.33 -36.90 19.94
N THR D 46 -18.46 -38.06 19.33
CA THR D 46 -18.06 -38.16 17.95
C THR D 46 -19.14 -37.55 17.07
N TYR D 47 -18.78 -37.23 15.83
CA TYR D 47 -19.73 -36.48 15.00
C TYR D 47 -20.95 -37.32 14.66
N GLU D 48 -20.77 -38.62 14.39
CA GLU D 48 -21.92 -39.50 14.24
C GLU D 48 -22.79 -39.50 15.50
N GLN D 49 -22.16 -39.53 16.68
CA GLN D 49 -22.95 -39.39 17.90
C GLN D 49 -23.69 -38.06 17.94
N LEU D 50 -23.12 -37.01 17.38
CA LEU D 50 -23.84 -35.74 17.42
C LEU D 50 -25.10 -35.83 16.59
N ASP D 51 -25.01 -36.54 15.45
CA ASP D 51 -26.17 -36.78 14.59
C ASP D 51 -27.33 -37.32 15.38
N VAL D 52 -27.07 -38.28 16.28
CA VAL D 52 -28.15 -38.87 17.06
C VAL D 52 -28.63 -37.89 18.13
N LEU D 53 -27.75 -37.05 18.65
CA LEU D 53 -28.24 -36.00 19.53
C LEU D 53 -29.07 -34.98 18.76
N LYS D 54 -28.62 -34.59 17.58
CA LYS D 54 -29.39 -33.63 16.80
C LYS D 54 -30.78 -34.17 16.57
N HIS D 55 -30.86 -35.40 16.03
CA HIS D 55 -32.13 -36.08 15.78
C HIS D 55 -33.05 -35.99 17.00
N LYS D 56 -32.52 -36.31 18.19
CA LYS D 56 -33.33 -36.25 19.40
C LYS D 56 -33.89 -34.86 19.62
N LEU D 57 -33.10 -33.84 19.32
CA LEU D 57 -33.60 -32.50 19.53
C LEU D 57 -34.75 -32.23 18.58
N ASP D 58 -34.69 -32.83 17.39
CA ASP D 58 -35.76 -32.67 16.41
C ASP D 58 -37.04 -33.32 16.91
N GLU D 59 -36.96 -34.60 17.30
CA GLU D 59 -38.08 -35.26 17.95
C GLU D 59 -38.76 -34.31 18.94
N LEU D 60 -38.00 -33.84 19.92
CA LEU D 60 -38.57 -33.05 20.99
C LEU D 60 -39.19 -31.75 20.47
N TYR D 61 -38.49 -31.04 19.59
CA TYR D 61 -38.92 -29.72 19.15
C TYR D 61 -39.17 -29.76 17.64
N PRO D 62 -40.25 -30.44 17.19
CA PRO D 62 -40.37 -30.77 15.75
C PRO D 62 -40.73 -29.61 14.86
N GLN D 63 -41.36 -28.56 15.40
CA GLN D 63 -41.61 -27.32 14.67
C GLN D 63 -40.59 -26.22 15.00
N GLY D 64 -39.36 -26.59 15.36
CA GLY D 64 -38.31 -25.61 15.57
C GLY D 64 -37.85 -25.44 17.02
N TYR D 65 -36.54 -25.42 17.21
CA TYR D 65 -35.97 -25.33 18.53
C TYR D 65 -36.32 -24.00 19.21
N PRO D 66 -36.49 -23.98 20.52
CA PRO D 66 -36.63 -22.71 21.22
C PRO D 66 -35.27 -22.06 21.40
N GLU D 67 -35.29 -20.75 21.67
CA GLU D 67 -34.03 -20.06 21.87
C GLU D 67 -33.34 -20.57 23.13
N SER D 68 -34.09 -21.18 24.05
CA SER D 68 -33.48 -21.84 25.21
C SER D 68 -32.43 -22.83 24.77
N VAL D 69 -32.73 -23.62 23.73
CA VAL D 69 -31.83 -24.63 23.20
C VAL D 69 -30.86 -24.08 22.17
N ILE D 70 -31.27 -23.10 21.37
CA ILE D 70 -30.40 -22.60 20.31
C ILE D 70 -29.12 -22.01 20.92
N GLN D 71 -29.27 -21.07 21.85
CA GLN D 71 -28.16 -20.46 22.58
C GLN D 71 -26.97 -21.37 22.76
N HIS D 72 -27.23 -22.52 23.36
CA HIS D 72 -26.19 -23.45 23.72
C HIS D 72 -25.88 -24.45 22.64
N LEU D 73 -26.18 -24.14 21.38
CA LEU D 73 -25.92 -25.13 20.36
C LEU D 73 -24.43 -25.30 20.15
N GLY D 74 -23.66 -24.23 20.27
CA GLY D 74 -22.25 -24.32 19.91
C GLY D 74 -22.01 -25.00 18.57
N TYR D 75 -21.09 -25.96 18.56
CA TYR D 75 -20.70 -26.53 17.28
C TYR D 75 -21.78 -27.35 16.65
N LEU D 76 -22.89 -27.53 17.33
CA LEU D 76 -23.96 -28.32 16.73
C LEU D 76 -24.58 -27.54 15.59
N PHE D 77 -24.50 -26.23 15.66
CA PHE D 77 -24.99 -25.42 14.57
C PHE D 77 -24.43 -25.90 13.26
N LEU D 78 -23.30 -26.61 13.26
CA LEU D 78 -22.76 -27.10 12.00
C LEU D 78 -23.60 -28.20 11.37
N LYS D 79 -24.38 -28.92 12.18
CA LYS D 79 -25.25 -29.98 11.74
C LYS D 79 -26.65 -29.51 11.34
N MET D 80 -27.01 -28.25 11.56
CA MET D 80 -28.33 -27.79 11.12
C MET D 80 -28.37 -27.66 9.60
N SER D 81 -29.57 -27.81 9.07
CA SER D 81 -29.88 -27.58 7.68
C SER D 81 -30.81 -26.38 7.58
N PRO D 82 -30.87 -25.70 6.43
CA PRO D 82 -31.55 -24.41 6.43
C PRO D 82 -32.99 -24.54 6.77
N GLU D 83 -33.61 -25.65 6.41
CA GLU D 83 -34.98 -25.88 6.83
C GLU D 83 -35.09 -25.91 8.36
N ASP D 84 -34.11 -26.53 9.02
CA ASP D 84 -34.05 -26.49 10.47
C ASP D 84 -34.10 -25.07 10.99
N ILE D 85 -33.19 -24.23 10.47
CA ILE D 85 -33.02 -22.89 10.97
C ILE D 85 -34.21 -22.03 10.60
N ARG D 86 -34.92 -22.41 9.54
CA ARG D 86 -36.01 -21.58 9.10
C ARG D 86 -37.17 -21.61 10.07
N LYS D 87 -37.20 -22.58 11.00
CA LYS D 87 -38.29 -22.71 11.95
C LYS D 87 -38.09 -21.87 13.22
N TRP D 88 -36.88 -21.35 13.42
CA TRP D 88 -36.44 -20.69 14.63
C TRP D 88 -36.96 -19.27 14.71
N ASN D 89 -37.02 -18.76 15.95
CA ASN D 89 -37.34 -17.35 16.22
C ASN D 89 -36.25 -16.80 17.14
N VAL D 90 -35.08 -16.48 16.58
CA VAL D 90 -33.97 -15.94 17.37
C VAL D 90 -34.12 -14.44 17.48
N THR D 91 -34.18 -13.92 18.72
CA THR D 91 -34.39 -12.49 18.87
C THR D 91 -33.38 -11.76 19.72
N SER D 92 -32.41 -12.43 20.33
CA SER D 92 -31.35 -11.74 21.05
C SER D 92 -30.14 -11.58 20.15
N LEU D 93 -29.60 -10.37 20.09
CA LEU D 93 -28.35 -10.17 19.37
C LEU D 93 -27.28 -11.14 19.86
N GLU D 94 -27.24 -11.40 21.16
CA GLU D 94 -26.21 -12.25 21.74
C GLU D 94 -26.28 -13.66 21.18
N THR D 95 -27.47 -14.24 21.07
CA THR D 95 -27.60 -15.55 20.46
C THR D 95 -27.04 -15.55 19.04
N LEU D 96 -27.40 -14.53 18.28
CA LEU D 96 -26.91 -14.42 16.92
C LEU D 96 -25.39 -14.41 16.91
N LYS D 97 -24.81 -13.50 17.68
CA LYS D 97 -23.36 -13.43 17.84
C LYS D 97 -22.79 -14.82 18.06
N ALA D 98 -23.37 -15.55 19.02
CA ALA D 98 -22.92 -16.87 19.35
C ALA D 98 -22.91 -17.77 18.12
N LEU D 99 -23.96 -17.71 17.32
CA LEU D 99 -24.05 -18.62 16.19
C LEU D 99 -23.12 -18.20 15.06
N LEU D 100 -22.96 -16.89 14.84
CA LEU D 100 -22.04 -16.46 13.81
C LEU D 100 -20.62 -16.86 14.15
N GLU D 101 -20.28 -16.79 15.44
CA GLU D 101 -18.92 -17.00 15.87
C GLU D 101 -18.43 -18.40 15.54
N VAL D 102 -19.31 -19.31 15.19
CA VAL D 102 -18.85 -20.67 15.04
C VAL D 102 -18.26 -20.91 13.66
N ASN D 103 -18.86 -20.34 12.63
CA ASN D 103 -18.28 -20.32 11.30
C ASN D 103 -17.79 -18.92 11.02
N LYS D 104 -16.82 -18.45 11.82
CA LYS D 104 -16.39 -17.06 11.73
C LYS D 104 -15.70 -16.75 10.41
N GLY D 105 -14.69 -17.52 10.05
CA GLY D 105 -14.05 -17.07 8.83
C GLY D 105 -14.62 -17.55 7.51
N HIS D 106 -15.73 -18.26 7.50
CA HIS D 106 -16.12 -19.01 6.31
C HIS D 106 -17.05 -18.22 5.40
N GLU D 107 -16.99 -18.57 4.12
CA GLU D 107 -17.95 -18.06 3.15
C GLU D 107 -19.35 -18.44 3.61
N MET D 108 -20.16 -17.42 3.91
CA MET D 108 -21.53 -17.57 4.38
C MET D 108 -22.19 -18.77 3.70
N SER D 109 -22.54 -19.76 4.49
CA SER D 109 -23.29 -20.92 4.06
C SER D 109 -24.79 -20.58 3.95
N PRO D 110 -25.56 -21.42 3.25
CA PRO D 110 -27.04 -21.26 3.28
C PRO D 110 -27.62 -21.25 4.69
N GLN D 111 -26.92 -21.88 5.65
CA GLN D 111 -27.40 -21.92 7.02
C GLN D 111 -27.31 -20.55 7.68
N VAL D 112 -26.10 -19.99 7.75
CA VAL D 112 -26.01 -18.69 8.39
C VAL D 112 -26.82 -17.68 7.59
N ALA D 113 -26.86 -17.83 6.27
CA ALA D 113 -27.69 -16.97 5.44
C ALA D 113 -29.12 -16.96 5.92
N THR D 114 -29.77 -18.13 5.93
CA THR D 114 -31.16 -18.18 6.38
C THR D 114 -31.27 -17.72 7.84
N LEU D 115 -30.26 -18.02 8.67
CA LEU D 115 -30.28 -17.53 10.05
C LEU D 115 -30.38 -16.02 10.07
N ILE D 116 -29.61 -15.34 9.23
CA ILE D 116 -29.56 -13.89 9.24
C ILE D 116 -30.86 -13.33 8.71
N ASP D 117 -31.38 -13.93 7.63
CA ASP D 117 -32.69 -13.59 7.09
C ASP D 117 -33.78 -13.77 8.15
N ARG D 118 -33.77 -14.89 8.86
CA ARG D 118 -34.74 -15.06 9.93
C ARG D 118 -34.59 -13.94 10.95
N PHE D 119 -33.36 -13.64 11.37
CA PHE D 119 -33.18 -12.65 12.43
C PHE D 119 -33.72 -11.29 12.03
N VAL D 120 -33.41 -10.83 10.83
CA VAL D 120 -33.80 -9.47 10.48
C VAL D 120 -35.31 -9.39 10.27
N LYS D 121 -35.86 -10.31 9.48
CA LYS D 121 -37.30 -10.47 9.38
C LYS D 121 -37.78 -10.88 10.75
N GLY D 122 -38.25 -9.96 11.57
CA GLY D 122 -38.53 -10.38 12.92
C GLY D 122 -37.95 -9.38 13.86
N ARG D 123 -37.48 -8.33 13.22
CA ARG D 123 -37.23 -7.06 13.85
C ARG D 123 -37.79 -5.99 12.95
N GLY D 124 -38.12 -6.33 11.70
CA GLY D 124 -38.67 -5.42 10.73
C GLY D 124 -37.64 -4.59 10.00
N GLN D 125 -36.47 -4.42 10.58
CA GLN D 125 -35.48 -3.53 10.01
C GLN D 125 -34.09 -4.12 10.18
N LEU D 126 -33.12 -3.44 9.62
CA LEU D 126 -31.73 -3.66 9.97
C LEU D 126 -31.28 -2.76 11.12
N ASP D 127 -32.24 -2.11 11.78
CA ASP D 127 -32.04 -1.20 12.92
C ASP D 127 -30.66 -0.52 12.94
N LYS D 128 -29.60 -1.18 13.38
CA LYS D 128 -28.28 -0.57 13.54
C LYS D 128 -27.41 -1.50 14.31
N ASP D 129 -27.85 -1.83 15.51
CA ASP D 129 -27.14 -2.80 16.31
C ASP D 129 -27.04 -4.10 15.54
N THR D 130 -28.12 -4.49 14.86
CA THR D 130 -28.07 -5.67 14.01
C THR D 130 -26.98 -5.52 12.95
N LEU D 131 -26.91 -4.36 12.32
CA LEU D 131 -25.93 -4.19 11.26
C LEU D 131 -24.52 -4.20 11.84
N ASP D 132 -24.33 -3.60 13.02
CA ASP D 132 -23.05 -3.71 13.73
C ASP D 132 -22.64 -5.16 13.85
N THR D 133 -23.51 -5.97 14.46
CA THR D 133 -23.15 -7.37 14.68
C THR D 133 -22.78 -8.05 13.38
N LEU D 134 -23.47 -7.73 12.31
CA LEU D 134 -23.22 -8.44 11.06
C LEU D 134 -21.91 -8.01 10.39
N THR D 135 -21.61 -6.70 10.27
CA THR D 135 -20.34 -6.34 9.63
C THR D 135 -19.15 -6.76 10.50
N ALA D 136 -19.36 -6.94 11.80
CA ALA D 136 -18.32 -7.51 12.64
C ALA D 136 -17.94 -8.90 12.17
N PHE D 137 -18.89 -9.68 11.66
CA PHE D 137 -18.57 -11.05 11.26
C PHE D 137 -18.42 -11.22 9.76
N TYR D 138 -19.14 -10.43 8.99
CA TYR D 138 -19.10 -10.45 7.53
C TYR D 138 -18.96 -8.98 7.13
N PRO D 139 -17.75 -8.50 6.86
CA PRO D 139 -17.60 -7.06 6.61
C PRO D 139 -18.26 -6.63 5.31
N GLY D 140 -18.12 -7.42 4.26
CA GLY D 140 -18.72 -7.02 3.00
C GLY D 140 -20.22 -7.17 2.98
N TYR D 141 -20.85 -7.21 4.16
CA TYR D 141 -22.25 -7.58 4.24
C TYR D 141 -23.14 -6.53 3.60
N LEU D 142 -22.99 -5.27 3.99
CA LEU D 142 -23.84 -4.23 3.43
C LEU D 142 -23.77 -4.21 1.92
N CYS D 143 -22.57 -4.29 1.35
CA CYS D 143 -22.41 -4.32 -0.10
C CYS D 143 -22.65 -5.68 -0.70
N SER D 144 -22.75 -6.72 0.14
CA SER D 144 -23.30 -7.97 -0.35
C SER D 144 -24.79 -7.91 -0.56
N LEU D 145 -25.45 -6.79 -0.31
CA LEU D 145 -26.89 -6.80 -0.52
C LEU D 145 -27.21 -6.59 -1.99
N SER D 146 -28.32 -5.91 -2.27
CA SER D 146 -28.59 -5.62 -3.67
C SER D 146 -29.59 -4.50 -3.68
N PRO D 147 -29.43 -3.49 -4.58
CA PRO D 147 -30.07 -2.18 -4.38
C PRO D 147 -31.52 -2.27 -3.97
N GLU D 148 -32.18 -3.37 -4.31
CA GLU D 148 -33.52 -3.64 -3.80
C GLU D 148 -33.53 -3.72 -2.28
N GLU D 149 -32.70 -4.59 -1.70
CA GLU D 149 -32.64 -4.65 -0.23
C GLU D 149 -32.20 -3.31 0.35
N LEU D 150 -31.16 -2.70 -0.23
CA LEU D 150 -30.58 -1.52 0.39
C LEU D 150 -31.61 -0.41 0.56
N SER D 151 -32.57 -0.32 -0.35
CA SER D 151 -33.58 0.72 -0.25
C SER D 151 -34.43 0.58 1.00
N SER D 152 -34.36 -0.56 1.68
CA SER D 152 -35.18 -0.81 2.85
C SER D 152 -34.46 -0.45 4.15
N VAL D 153 -33.13 -0.56 4.18
CA VAL D 153 -32.45 -0.31 5.44
C VAL D 153 -32.60 1.16 5.84
N PRO D 154 -33.02 1.45 7.07
CA PRO D 154 -33.41 2.83 7.43
C PRO D 154 -32.19 3.68 7.71
N PRO D 155 -32.27 4.98 7.46
CA PRO D 155 -31.09 5.84 7.68
C PRO D 155 -30.50 5.72 9.07
N SER D 156 -31.34 5.47 10.07
CA SER D 156 -30.84 5.14 11.40
C SER D 156 -29.69 4.14 11.33
N SER D 157 -29.79 3.14 10.45
CA SER D 157 -28.79 2.09 10.36
C SER D 157 -27.45 2.59 9.83
N ILE D 158 -27.42 3.75 9.17
CA ILE D 158 -26.21 4.17 8.48
C ILE D 158 -25.09 4.44 9.46
N TRP D 159 -25.42 4.87 10.67
CA TRP D 159 -24.39 5.15 11.66
C TRP D 159 -23.52 3.94 11.96
N ALA D 160 -23.95 2.74 11.56
CA ALA D 160 -23.20 1.54 11.85
C ALA D 160 -22.26 1.16 10.72
N VAL D 161 -22.30 1.86 9.59
CA VAL D 161 -21.44 1.55 8.47
C VAL D 161 -20.22 2.41 8.64
N ARG D 162 -19.05 1.79 8.53
CA ARG D 162 -17.72 2.35 8.58
C ARG D 162 -17.19 2.49 7.16
N PRO D 163 -16.43 3.54 6.80
CA PRO D 163 -16.15 3.76 5.38
C PRO D 163 -15.51 2.58 4.68
N GLN D 164 -14.61 1.87 5.36
CA GLN D 164 -13.95 0.79 4.62
C GLN D 164 -14.90 -0.31 4.25
N ASP D 165 -16.17 -0.21 4.63
CA ASP D 165 -17.12 -1.22 4.26
C ASP D 165 -17.69 -0.96 2.88
N LEU D 166 -17.62 0.28 2.44
CA LEU D 166 -18.12 0.67 1.13
C LEU D 166 -17.14 0.31 0.02
N ASP D 167 -16.06 -0.41 0.33
CA ASP D 167 -15.05 -0.66 -0.68
C ASP D 167 -15.58 -1.51 -1.82
N THR D 168 -16.40 -2.49 -1.50
CA THR D 168 -16.99 -3.37 -2.49
C THR D 168 -18.36 -2.91 -2.97
N CYS D 169 -18.74 -1.67 -2.73
CA CYS D 169 -20.02 -1.18 -3.23
C CYS D 169 -19.82 -0.64 -4.64
N ASP D 170 -20.74 -0.98 -5.54
CA ASP D 170 -20.74 -0.42 -6.89
C ASP D 170 -21.76 0.71 -7.01
N PRO D 171 -21.65 1.56 -8.04
CA PRO D 171 -22.35 2.86 -7.96
C PRO D 171 -23.82 2.77 -7.90
N ARG D 172 -24.40 1.66 -8.34
CA ARG D 172 -25.84 1.52 -8.18
C ARG D 172 -26.21 1.29 -6.71
N GLN D 173 -25.29 0.71 -5.92
CA GLN D 173 -25.52 0.62 -4.49
C GLN D 173 -25.35 1.99 -3.83
N LEU D 174 -24.28 2.71 -4.15
CA LEU D 174 -24.16 4.03 -3.55
C LEU D 174 -25.31 4.92 -3.95
N ASP D 175 -25.93 4.64 -5.10
CA ASP D 175 -27.01 5.50 -5.55
C ASP D 175 -28.14 5.52 -4.54
N VAL D 176 -28.42 4.36 -3.93
CA VAL D 176 -29.45 4.27 -2.91
C VAL D 176 -28.92 4.52 -1.51
N LEU D 177 -27.60 4.35 -1.30
CA LEU D 177 -27.03 4.58 0.02
C LEU D 177 -26.87 6.07 0.32
N TYR D 178 -26.30 6.85 -0.62
CA TYR D 178 -25.99 8.24 -0.31
C TYR D 178 -27.19 9.03 0.21
N PRO D 179 -28.34 9.04 -0.44
CA PRO D 179 -29.50 9.75 0.15
C PRO D 179 -29.82 9.29 1.56
N LYS D 180 -29.51 8.04 1.90
CA LYS D 180 -29.67 7.52 3.25
C LYS D 180 -28.68 8.14 4.23
N ALA D 181 -27.42 8.33 3.80
CA ALA D 181 -26.44 9.01 4.65
C ALA D 181 -26.80 10.47 4.81
N ARG D 182 -27.29 11.11 3.75
CA ARG D 182 -27.71 12.50 3.84
C ARG D 182 -28.72 12.68 4.95
N LEU D 183 -29.71 11.79 5.03
CA LEU D 183 -30.69 11.85 6.10
C LEU D 183 -30.04 11.59 7.46
N ALA D 184 -29.18 10.57 7.52
CA ALA D 184 -28.63 10.14 8.81
C ALA D 184 -27.81 11.23 9.46
N PHE D 185 -27.42 12.26 8.72
CA PHE D 185 -26.37 13.16 9.14
C PHE D 185 -26.71 14.65 9.18
N GLN D 186 -27.94 15.07 8.83
CA GLN D 186 -28.21 16.52 8.75
C GLN D 186 -27.93 17.24 10.07
N ASN D 187 -28.10 16.54 11.19
CA ASN D 187 -27.82 17.13 12.50
C ASN D 187 -26.36 17.58 12.64
N MET D 188 -25.47 17.15 11.74
CA MET D 188 -24.07 17.53 11.81
C MET D 188 -23.88 18.91 11.20
N ASN D 189 -22.72 19.52 11.49
CA ASN D 189 -22.50 20.91 11.13
C ASN D 189 -21.81 21.07 9.77
N GLY D 190 -20.51 20.81 9.76
CA GLY D 190 -19.69 21.14 8.62
C GLY D 190 -18.54 20.17 8.52
N SER D 191 -17.37 20.53 9.06
CA SER D 191 -16.22 19.64 9.02
C SER D 191 -16.55 18.27 9.58
N GLU D 192 -17.50 18.22 10.49
CA GLU D 192 -17.95 16.95 11.02
C GLU D 192 -18.83 16.22 10.01
N TYR D 193 -19.73 16.95 9.33
CA TYR D 193 -20.54 16.34 8.29
C TYR D 193 -19.67 15.70 7.23
N PHE D 194 -18.69 16.45 6.72
CA PHE D 194 -17.90 15.91 5.63
C PHE D 194 -17.21 14.62 6.01
N VAL D 195 -16.70 14.53 7.24
CA VAL D 195 -15.91 13.33 7.54
C VAL D 195 -16.81 12.10 7.55
N LYS D 196 -18.08 12.28 7.88
CA LYS D 196 -19.01 11.16 7.82
C LYS D 196 -19.43 10.85 6.38
N ILE D 197 -19.89 11.87 5.63
CA ILE D 197 -20.49 11.68 4.30
C ILE D 197 -19.47 11.25 3.25
N GLN D 198 -18.20 11.61 3.43
CA GLN D 198 -17.11 11.34 2.51
C GLN D 198 -17.23 10.01 1.77
N SER D 199 -17.38 8.90 2.48
CA SER D 199 -17.35 7.64 1.76
C SER D 199 -18.53 7.48 0.83
N PHE D 200 -19.63 8.17 1.10
CA PHE D 200 -20.85 8.00 0.33
C PHE D 200 -20.91 8.92 -0.87
N LEU D 201 -19.91 9.77 -1.09
CA LEU D 201 -20.06 10.78 -2.13
C LEU D 201 -20.04 10.19 -3.52
N GLY D 202 -19.58 8.94 -3.65
CA GLY D 202 -19.62 8.27 -4.94
C GLY D 202 -21.00 8.24 -5.56
N GLY D 203 -22.03 8.58 -4.78
CA GLY D 203 -23.37 8.66 -5.31
C GLY D 203 -23.97 10.02 -5.03
N ALA D 204 -23.18 11.02 -5.09
CA ALA D 204 -23.76 12.34 -4.90
C ALA D 204 -23.95 13.08 -6.22
N PRO D 205 -24.89 14.00 -6.26
CA PRO D 205 -25.06 14.85 -7.45
C PRO D 205 -24.23 16.12 -7.37
N THR D 206 -24.09 16.77 -8.53
CA THR D 206 -23.36 18.04 -8.60
C THR D 206 -23.96 19.08 -7.68
N GLU D 207 -25.28 19.17 -7.63
CA GLU D 207 -25.93 20.13 -6.74
C GLU D 207 -25.31 20.07 -5.35
N ASP D 208 -24.98 18.87 -4.88
CA ASP D 208 -24.47 18.63 -3.54
C ASP D 208 -22.97 18.79 -3.44
N LEU D 209 -22.23 18.37 -4.48
CA LEU D 209 -20.80 18.65 -4.51
C LEU D 209 -20.56 20.17 -4.51
N LYS D 210 -21.25 20.88 -5.40
CA LYS D 210 -21.16 22.34 -5.43
C LYS D 210 -21.33 22.92 -4.04
N ALA D 211 -22.39 22.51 -3.33
CA ALA D 211 -22.66 23.06 -2.00
C ALA D 211 -21.52 22.76 -1.04
N LEU D 212 -20.88 21.60 -1.18
CA LEU D 212 -19.74 21.28 -0.34
C LEU D 212 -18.58 22.22 -0.61
N SER D 213 -18.27 22.45 -1.89
CA SER D 213 -17.16 23.33 -2.25
C SER D 213 -17.25 24.66 -1.53
N GLN D 214 -18.46 25.23 -1.45
CA GLN D 214 -18.67 26.51 -0.77
C GLN D 214 -18.41 26.45 0.74
N GLN D 215 -18.17 25.27 1.29
CA GLN D 215 -17.73 25.15 2.67
C GLN D 215 -16.21 25.03 2.71
N ASN D 216 -15.67 24.99 3.92
CA ASN D 216 -14.24 24.89 4.09
C ASN D 216 -13.69 23.52 3.74
N VAL D 217 -14.57 22.52 3.53
CA VAL D 217 -14.18 21.12 3.45
C VAL D 217 -12.95 20.97 2.58
N SER D 218 -12.00 20.20 3.06
CA SER D 218 -10.72 20.05 2.42
C SER D 218 -10.62 18.63 1.86
N MET D 219 -11.36 18.41 0.77
CA MET D 219 -11.52 17.08 0.21
C MET D 219 -10.20 16.53 -0.30
N ASP D 220 -9.91 15.27 0.05
CA ASP D 220 -8.68 14.61 -0.34
C ASP D 220 -8.78 14.18 -1.79
N LEU D 221 -7.62 13.97 -2.42
CA LEU D 221 -7.64 13.57 -3.81
C LEU D 221 -8.29 12.21 -3.97
N ALA D 222 -7.98 11.26 -3.07
CA ALA D 222 -8.55 9.92 -3.18
C ALA D 222 -10.05 9.96 -3.25
N THR D 223 -10.70 10.77 -2.42
CA THR D 223 -12.14 10.72 -2.47
C THR D 223 -12.66 11.43 -3.71
N PHE D 224 -11.94 12.47 -4.18
CA PHE D 224 -12.36 13.17 -5.40
C PHE D 224 -12.38 12.24 -6.61
N MET D 225 -11.33 11.43 -6.77
CA MET D 225 -11.29 10.41 -7.82
C MET D 225 -12.44 9.41 -7.71
N LYS D 226 -13.03 9.20 -6.56
CA LYS D 226 -14.19 8.35 -6.49
C LYS D 226 -15.47 9.11 -6.80
N LEU D 227 -15.41 10.43 -6.91
CA LEU D 227 -16.62 11.14 -7.24
C LEU D 227 -17.18 10.61 -8.56
N ARG D 228 -18.44 10.96 -8.82
CA ARG D 228 -19.18 10.57 -10.01
C ARG D 228 -18.40 10.56 -11.32
N THR D 229 -18.42 11.71 -12.00
CA THR D 229 -17.84 12.04 -13.29
C THR D 229 -18.88 12.99 -13.82
N ASP D 230 -20.06 12.44 -14.00
CA ASP D 230 -21.24 13.23 -14.28
C ASP D 230 -21.48 14.30 -13.24
N ALA D 231 -20.98 14.11 -12.02
CA ALA D 231 -21.16 15.17 -11.05
C ALA D 231 -19.99 16.14 -11.04
N VAL D 232 -18.77 15.67 -11.32
CA VAL D 232 -17.64 16.60 -11.33
C VAL D 232 -17.69 17.47 -12.58
N LEU D 233 -18.17 16.92 -13.72
CA LEU D 233 -18.09 17.62 -15.00
C LEU D 233 -18.56 19.07 -14.94
N PRO D 234 -19.74 19.41 -14.45
CA PRO D 234 -20.13 20.83 -14.38
C PRO D 234 -19.51 21.70 -13.29
N LEU D 235 -18.37 21.33 -12.73
CA LEU D 235 -17.78 22.09 -11.64
C LEU D 235 -16.80 23.11 -12.19
N THR D 236 -16.98 24.38 -11.83
CA THR D 236 -16.04 25.38 -12.29
C THR D 236 -14.67 25.16 -11.67
N VAL D 237 -13.62 25.46 -12.45
CA VAL D 237 -12.24 25.37 -12.00
C VAL D 237 -12.08 26.04 -10.65
N ALA D 238 -12.84 27.10 -10.42
CA ALA D 238 -12.88 27.72 -9.12
C ALA D 238 -13.50 26.80 -8.07
N GLU D 239 -14.59 26.11 -8.43
CA GLU D 239 -15.26 25.25 -7.46
C GLU D 239 -14.37 24.06 -7.09
N VAL D 240 -13.78 23.38 -8.08
CA VAL D 240 -12.90 22.26 -7.79
C VAL D 240 -11.73 22.69 -6.91
N GLN D 241 -11.22 23.90 -7.12
CA GLN D 241 -10.14 24.40 -6.28
C GLN D 241 -10.59 24.55 -4.83
N LYS D 242 -11.67 25.31 -4.59
CA LYS D 242 -12.15 25.49 -3.23
C LYS D 242 -12.53 24.15 -2.59
N LEU D 243 -12.83 23.16 -3.42
CA LEU D 243 -13.21 21.86 -2.90
C LEU D 243 -11.98 21.09 -2.43
N LEU D 244 -11.01 20.91 -3.32
CA LEU D 244 -9.80 20.16 -2.99
C LEU D 244 -8.87 20.90 -2.02
N GLY D 245 -9.19 22.14 -1.62
CA GLY D 245 -8.34 22.88 -0.71
C GLY D 245 -6.86 22.78 -1.03
N PRO D 246 -6.07 22.32 -0.05
CA PRO D 246 -4.62 22.25 -0.23
C PRO D 246 -4.16 20.99 -0.93
N HIS D 247 -5.09 20.29 -1.57
CA HIS D 247 -4.79 19.04 -2.23
C HIS D 247 -4.81 19.18 -3.73
N VAL D 248 -4.95 20.42 -4.23
CA VAL D 248 -5.09 20.67 -5.65
C VAL D 248 -3.99 20.00 -6.45
N GLU D 249 -2.75 20.09 -5.97
CA GLU D 249 -1.61 19.58 -6.74
C GLU D 249 -1.79 18.15 -7.23
N GLY D 250 -2.68 17.40 -6.58
CA GLY D 250 -2.96 16.05 -7.06
C GLY D 250 -3.40 16.03 -8.52
N LEU D 251 -4.07 17.10 -8.96
CA LEU D 251 -4.66 17.11 -10.31
C LEU D 251 -3.64 16.73 -11.40
N LYS D 252 -2.45 17.35 -11.38
CA LYS D 252 -1.47 17.00 -12.40
C LYS D 252 -1.07 15.54 -12.29
N ALA D 253 -1.03 15.01 -11.06
CA ALA D 253 -0.65 13.63 -10.85
C ALA D 253 -1.73 12.67 -11.33
N GLU D 254 -3.00 13.04 -11.20
CA GLU D 254 -4.10 12.26 -11.76
C GLU D 254 -4.65 12.90 -13.04
N GLU D 255 -3.74 13.48 -13.84
CA GLU D 255 -4.09 14.18 -15.07
C GLU D 255 -4.71 13.23 -16.09
N ARG D 256 -4.27 11.99 -16.09
CA ARG D 256 -4.62 11.01 -17.11
C ARG D 256 -5.87 10.21 -16.74
N HIS D 257 -5.94 9.81 -15.48
CA HIS D 257 -7.00 8.95 -14.99
C HIS D 257 -8.36 9.53 -14.62
N ARG D 258 -9.21 8.57 -14.28
CA ARG D 258 -10.60 8.73 -13.86
C ARG D 258 -11.42 9.95 -14.24
N PRO D 259 -12.03 10.59 -13.22
CA PRO D 259 -12.90 11.72 -13.55
C PRO D 259 -12.17 13.03 -13.80
N VAL D 260 -10.84 13.02 -13.86
CA VAL D 260 -10.06 14.23 -14.00
C VAL D 260 -9.73 14.50 -15.45
N ARG D 261 -9.19 13.50 -16.16
CA ARG D 261 -9.09 13.57 -17.61
C ARG D 261 -10.40 14.09 -18.18
N ASP D 262 -11.50 13.41 -17.86
CA ASP D 262 -12.80 13.91 -18.28
C ASP D 262 -13.03 15.34 -17.81
N TRP D 263 -12.56 15.70 -16.63
CA TRP D 263 -12.87 17.04 -16.18
C TRP D 263 -11.96 18.07 -16.80
N ILE D 264 -10.68 17.72 -16.99
CA ILE D 264 -9.80 18.58 -17.78
C ILE D 264 -10.45 18.89 -19.11
N LEU D 265 -10.69 17.84 -19.91
CA LEU D 265 -11.09 18.00 -21.31
C LEU D 265 -12.25 18.96 -21.51
N ARG D 266 -13.15 19.10 -20.53
CA ARG D 266 -14.27 20.00 -20.75
C ARG D 266 -13.97 21.42 -20.29
N GLN D 267 -12.72 21.77 -20.03
CA GLN D 267 -12.40 23.07 -19.47
C GLN D 267 -11.65 23.93 -20.48
N ARG D 268 -11.88 25.23 -20.41
CA ARG D 268 -11.13 26.16 -21.26
C ARG D 268 -9.66 26.12 -20.87
N GLN D 269 -8.79 25.77 -21.84
CA GLN D 269 -7.37 25.67 -21.52
C GLN D 269 -6.83 26.95 -20.86
N ASP D 270 -7.52 28.09 -21.03
CA ASP D 270 -7.11 29.33 -20.37
C ASP D 270 -7.59 29.41 -18.93
N ASP D 271 -8.32 28.41 -18.43
CA ASP D 271 -8.72 28.33 -17.03
C ASP D 271 -7.79 27.44 -16.22
N LEU D 272 -7.37 26.32 -16.80
CA LEU D 272 -6.40 25.43 -16.18
C LEU D 272 -5.09 26.15 -15.88
N ASP D 273 -4.81 27.24 -16.59
CA ASP D 273 -3.65 28.05 -16.27
C ASP D 273 -3.74 28.64 -14.87
N THR D 274 -4.95 29.09 -14.45
CA THR D 274 -5.12 29.70 -13.13
C THR D 274 -4.68 28.80 -11.98
N LEU D 275 -4.47 27.53 -12.28
CA LEU D 275 -4.23 26.51 -11.28
C LEU D 275 -2.75 26.34 -10.89
N GLY D 276 -1.85 27.16 -11.41
CA GLY D 276 -0.48 26.70 -11.44
C GLY D 276 -0.50 25.36 -12.17
N LEU D 277 0.17 24.36 -11.59
CA LEU D 277 -0.08 22.95 -11.91
C LEU D 277 0.24 22.55 -13.35
N GLY D 278 -0.10 23.39 -14.33
CA GLY D 278 0.37 23.10 -15.68
C GLY D 278 -0.30 21.92 -16.31
N LEU D 279 -1.60 22.07 -16.51
CA LEU D 279 -2.42 21.01 -17.06
C LEU D 279 -2.49 21.15 -18.57
N GLN D 280 -2.23 20.05 -19.28
CA GLN D 280 -2.25 20.01 -20.72
C GLN D 280 -3.55 19.32 -21.16
N GLY D 281 -4.12 19.79 -22.26
CA GLY D 281 -5.39 19.32 -22.78
C GLY D 281 -6.42 20.44 -22.73
N GLY D 282 -7.61 20.14 -23.20
CA GLY D 282 -8.69 21.09 -23.10
C GLY D 282 -8.60 22.16 -24.16
N ILE D 283 -9.67 22.96 -24.22
CA ILE D 283 -10.02 23.69 -25.45
C ILE D 283 -9.39 25.06 -25.60
N PRO D 284 -8.70 25.29 -26.71
CA PRO D 284 -7.90 26.50 -26.89
C PRO D 284 -8.70 27.71 -27.38
N ASN D 285 -7.99 28.85 -27.43
CA ASN D 285 -8.48 30.17 -27.91
C ASN D 285 -9.91 30.51 -27.51
N LYS E 8 41.44 47.25 -15.70
CA LYS E 8 40.16 47.08 -16.36
C LYS E 8 40.34 46.61 -17.81
N ALA E 9 40.94 45.43 -17.97
CA ALA E 9 41.18 44.87 -19.29
C ALA E 9 40.51 43.49 -19.43
N ARG E 10 41.34 42.46 -19.52
CA ARG E 10 40.84 41.09 -19.65
C ARG E 10 41.46 40.16 -18.61
N GLU E 11 40.63 39.70 -17.68
CA GLU E 11 41.10 38.81 -16.62
C GLU E 11 39.95 37.94 -16.09
N ILE E 12 38.74 38.48 -16.17
CA ILE E 12 37.54 37.78 -15.70
C ILE E 12 37.71 37.24 -14.28
N ASP E 13 37.88 38.13 -13.32
CA ASP E 13 38.05 37.74 -11.93
C ASP E 13 36.88 38.19 -11.07
N GLU E 14 37.14 38.48 -9.80
CA GLU E 14 36.11 38.92 -8.88
C GLU E 14 35.80 40.40 -9.05
N SER E 15 36.77 41.15 -9.59
CA SER E 15 36.60 42.58 -9.80
C SER E 15 35.36 42.88 -10.65
N LEU E 16 35.07 42.01 -11.62
CA LEU E 16 34.19 42.39 -12.72
C LEU E 16 32.81 42.80 -12.25
N ILE E 17 32.35 42.27 -11.12
CA ILE E 17 30.95 42.45 -10.72
C ILE E 17 30.62 43.91 -10.46
N PHE E 18 31.64 44.76 -10.26
CA PHE E 18 31.40 46.17 -10.04
C PHE E 18 31.35 46.97 -11.33
N TYR E 19 31.65 46.36 -12.47
CA TYR E 19 31.52 47.10 -13.71
C TYR E 19 30.06 47.47 -13.94
N LYS E 20 29.87 48.50 -14.74
CA LYS E 20 28.55 48.88 -15.23
C LYS E 20 28.27 48.08 -16.50
N LYS E 21 27.03 48.12 -16.98
CA LYS E 21 26.69 47.30 -18.14
C LYS E 21 27.54 47.67 -19.35
N TRP E 22 27.65 48.96 -19.65
CA TRP E 22 28.39 49.36 -20.86
C TRP E 22 29.88 49.16 -20.69
N GLU E 23 30.41 49.38 -19.47
CA GLU E 23 31.83 49.13 -19.20
C GLU E 23 32.19 47.67 -19.47
N LEU E 24 31.30 46.75 -19.09
CA LEU E 24 31.50 45.33 -19.36
C LEU E 24 31.43 45.02 -20.84
N GLU E 25 30.42 45.58 -21.52
CA GLU E 25 30.33 45.41 -22.97
C GLU E 25 31.57 45.99 -23.66
N ALA E 26 32.17 47.03 -23.08
CA ALA E 26 33.34 47.64 -23.70
C ALA E 26 34.62 46.86 -23.39
N CYS E 27 34.80 46.40 -22.17
CA CYS E 27 36.13 45.97 -21.76
C CYS E 27 36.35 44.45 -21.74
N VAL E 28 35.35 43.61 -21.91
CA VAL E 28 35.57 42.17 -21.76
C VAL E 28 35.54 41.54 -23.14
N ASP E 29 36.69 41.08 -23.60
CA ASP E 29 36.77 40.46 -24.93
C ASP E 29 36.06 39.13 -24.91
N ALA E 30 35.20 38.91 -25.91
CA ALA E 30 34.47 37.65 -26.02
C ALA E 30 35.42 36.46 -25.88
N ALA E 31 36.47 36.41 -26.69
CA ALA E 31 37.35 35.25 -26.64
C ALA E 31 37.98 35.05 -25.27
N LEU E 32 38.02 36.08 -24.44
CA LEU E 32 38.53 35.90 -23.08
C LEU E 32 37.50 35.20 -22.22
N LEU E 33 36.26 35.69 -22.26
CA LEU E 33 35.15 35.02 -21.56
C LEU E 33 35.02 33.55 -21.95
N ALA E 34 35.06 33.26 -23.25
CA ALA E 34 34.92 31.86 -23.68
C ALA E 34 36.04 30.99 -23.15
N THR E 35 37.24 31.54 -23.12
CA THR E 35 38.41 30.76 -22.75
C THR E 35 38.51 30.59 -21.24
N GLN E 36 37.81 31.43 -20.49
CA GLN E 36 37.73 31.26 -19.05
C GLN E 36 36.30 30.98 -18.64
N MET E 37 35.65 30.03 -19.31
CA MET E 37 34.27 29.82 -18.94
C MET E 37 34.18 28.98 -17.67
N ASP E 38 35.20 28.16 -17.43
CA ASP E 38 35.16 27.29 -16.27
C ASP E 38 35.34 28.04 -14.94
N ARG E 39 35.36 29.38 -14.95
CA ARG E 39 35.37 30.12 -13.70
C ARG E 39 34.28 31.17 -13.65
N VAL E 40 33.39 31.20 -14.63
CA VAL E 40 32.37 32.25 -14.65
C VAL E 40 31.33 32.03 -13.56
N ASN E 41 30.97 30.77 -13.30
CA ASN E 41 29.89 30.54 -12.34
C ASN E 41 30.28 30.96 -10.94
N ALA E 42 31.58 31.04 -10.64
CA ALA E 42 32.02 31.42 -9.31
C ALA E 42 31.91 32.92 -9.06
N ILE E 43 31.81 33.76 -10.11
CA ILE E 43 31.79 35.18 -9.97
C ILE E 43 30.33 35.64 -9.88
N PRO E 44 29.87 36.16 -8.74
CA PRO E 44 28.45 36.46 -8.56
C PRO E 44 27.92 37.61 -9.38
N PHE E 45 28.03 37.52 -10.71
CA PHE E 45 27.49 38.55 -11.58
C PHE E 45 26.02 38.80 -11.29
N THR E 46 25.59 40.01 -11.62
CA THR E 46 24.18 40.34 -11.65
C THR E 46 23.55 39.69 -12.88
N TYR E 47 22.24 39.44 -12.85
CA TYR E 47 21.65 38.68 -13.94
C TYR E 47 21.64 39.50 -15.23
N GLU E 48 21.43 40.81 -15.13
CA GLU E 48 21.62 41.67 -16.28
C GLU E 48 23.06 41.62 -16.79
N GLN E 49 24.02 41.47 -15.87
CA GLN E 49 25.41 41.30 -16.28
C GLN E 49 25.60 40.02 -17.09
N LEU E 50 24.93 38.94 -16.69
CA LEU E 50 25.06 37.71 -17.46
C LEU E 50 24.48 37.88 -18.84
N ASP E 51 23.42 38.69 -18.97
CA ASP E 51 22.84 38.98 -20.29
C ASP E 51 23.91 39.40 -21.27
N VAL E 52 24.74 40.37 -20.88
CA VAL E 52 25.76 40.90 -21.79
C VAL E 52 26.91 39.94 -21.94
N LEU E 53 27.23 39.17 -20.91
CA LEU E 53 28.21 38.11 -21.08
C LEU E 53 27.73 37.11 -22.11
N LYS E 54 26.45 36.68 -22.00
CA LYS E 54 25.89 35.73 -22.95
C LYS E 54 25.98 36.27 -24.36
N HIS E 55 25.42 37.47 -24.59
CA HIS E 55 25.52 38.10 -25.91
C HIS E 55 26.93 38.00 -26.48
N LYS E 56 27.94 38.28 -25.66
CA LYS E 56 29.32 38.19 -26.13
C LYS E 56 29.62 36.80 -26.68
N LEU E 57 29.13 35.75 -26.01
CA LEU E 57 29.41 34.41 -26.48
C LEU E 57 28.73 34.15 -27.81
N ASP E 58 27.56 34.73 -28.00
CA ASP E 58 26.81 34.56 -29.23
C ASP E 58 27.58 35.20 -30.38
N GLU E 59 27.98 36.47 -30.19
CA GLU E 59 28.88 37.14 -31.11
C GLU E 59 29.98 36.20 -31.55
N LEU E 60 30.81 35.77 -30.61
CA LEU E 60 32.00 35.00 -30.94
C LEU E 60 31.65 33.76 -31.75
N TYR E 61 30.61 33.05 -31.35
CA TYR E 61 30.24 31.77 -31.93
C TYR E 61 28.83 31.90 -32.51
N PRO E 62 28.69 32.63 -33.62
CA PRO E 62 27.34 33.00 -34.06
C PRO E 62 26.57 31.80 -34.54
N GLN E 63 27.26 30.75 -34.96
CA GLN E 63 26.64 29.49 -35.32
C GLN E 63 26.74 28.45 -34.22
N GLY E 64 26.74 28.86 -32.95
CA GLY E 64 26.60 27.88 -31.89
C GLY E 64 27.83 27.59 -31.09
N TYR E 65 27.68 27.57 -29.77
CA TYR E 65 28.81 27.36 -28.89
C TYR E 65 29.43 26.00 -29.16
N PRO E 66 30.75 25.87 -29.04
CA PRO E 66 31.38 24.56 -29.11
C PRO E 66 31.21 23.84 -27.79
N GLU E 67 31.45 22.53 -27.82
CA GLU E 67 31.21 21.76 -26.61
C GLU E 67 32.15 22.15 -25.48
N SER E 68 33.36 22.66 -25.82
CA SER E 68 34.27 23.16 -24.78
C SER E 68 33.60 24.24 -23.93
N VAL E 69 32.83 25.13 -24.57
CA VAL E 69 32.19 26.22 -23.84
C VAL E 69 30.91 25.76 -23.19
N ILE E 70 30.20 24.80 -23.80
CA ILE E 70 28.93 24.34 -23.25
C ILE E 70 29.14 23.73 -21.88
N GLN E 71 30.07 22.78 -21.77
CA GLN E 71 30.54 22.14 -20.55
C GLN E 71 30.47 23.03 -19.32
N HIS E 72 31.16 24.16 -19.36
CA HIS E 72 31.24 25.06 -18.22
C HIS E 72 30.16 26.14 -18.23
N LEU E 73 29.02 25.88 -18.88
CA LEU E 73 27.97 26.91 -18.88
C LEU E 73 27.35 27.06 -17.50
N GLY E 74 27.21 25.96 -16.76
CA GLY E 74 26.53 25.97 -15.48
C GLY E 74 25.22 26.75 -15.48
N TYR E 75 25.03 27.60 -14.48
CA TYR E 75 23.77 28.30 -14.34
C TYR E 75 23.54 29.27 -15.48
N LEU E 76 24.49 29.39 -16.40
CA LEU E 76 24.27 30.28 -17.53
C LEU E 76 23.28 29.66 -18.51
N PHE E 77 23.16 28.33 -18.49
CA PHE E 77 22.23 27.62 -19.36
C PHE E 77 20.83 28.20 -19.31
N LEU E 78 20.46 28.86 -18.21
CA LEU E 78 19.13 29.43 -18.06
C LEU E 78 18.87 30.61 -19.00
N LYS E 79 19.92 31.32 -19.43
CA LYS E 79 19.82 32.46 -20.34
C LYS E 79 19.77 32.03 -21.80
N MET E 80 19.95 30.75 -22.08
CA MET E 80 19.77 30.24 -23.42
C MET E 80 18.30 30.29 -23.84
N SER E 81 18.11 30.33 -25.13
CA SER E 81 16.85 30.16 -25.83
C SER E 81 17.00 28.93 -26.71
N PRO E 82 15.90 28.30 -27.09
CA PRO E 82 16.03 27.01 -27.78
C PRO E 82 16.69 27.10 -29.14
N GLU E 83 16.54 28.21 -29.88
CA GLU E 83 17.27 28.33 -31.15
C GLU E 83 18.77 28.29 -30.91
N ASP E 84 19.21 28.97 -29.83
CA ASP E 84 20.61 28.90 -29.42
C ASP E 84 21.05 27.46 -29.29
N ILE E 85 20.30 26.67 -28.53
CA ILE E 85 20.69 25.29 -28.25
C ILE E 85 20.56 24.41 -29.48
N ARG E 86 19.72 24.79 -30.45
CA ARG E 86 19.61 23.91 -31.61
C ARG E 86 20.90 23.92 -32.43
N LYS E 87 21.82 24.85 -32.14
CA LYS E 87 23.07 24.94 -32.88
C LYS E 87 24.19 24.06 -32.32
N TRP E 88 24.02 23.47 -31.13
CA TRP E 88 25.09 22.79 -30.41
C TRP E 88 25.39 21.41 -31.01
N ASN E 89 26.59 20.92 -30.73
CA ASN E 89 26.96 19.54 -31.03
C ASN E 89 27.50 18.93 -29.75
N VAL E 90 26.61 18.58 -28.83
CA VAL E 90 27.02 17.97 -27.58
C VAL E 90 27.16 16.47 -27.78
N THR E 91 28.32 15.93 -27.44
CA THR E 91 28.57 14.52 -27.63
C THR E 91 29.10 13.80 -26.41
N SER E 92 29.33 14.50 -25.30
CA SER E 92 29.71 13.83 -24.06
C SER E 92 28.49 13.68 -23.17
N LEU E 93 28.24 12.46 -22.70
CA LEU E 93 27.21 12.28 -21.69
C LEU E 93 27.46 13.21 -20.52
N GLU E 94 28.72 13.41 -20.14
CA GLU E 94 29.01 14.25 -18.98
C GLU E 94 28.52 15.68 -19.21
N THR E 95 28.77 16.21 -20.40
CA THR E 95 28.21 17.51 -20.74
C THR E 95 26.70 17.48 -20.58
N LEU E 96 26.06 16.42 -21.07
CA LEU E 96 24.62 16.25 -20.95
C LEU E 96 24.20 16.20 -19.49
N LYS E 97 24.79 15.29 -18.71
CA LYS E 97 24.50 15.21 -17.29
C LYS E 97 24.54 16.58 -16.64
N ALA E 98 25.69 17.25 -16.72
CA ALA E 98 25.89 18.52 -16.02
C ALA E 98 24.79 19.51 -16.35
N LEU E 99 24.39 19.56 -17.62
CA LEU E 99 23.39 20.53 -17.96
C LEU E 99 22.04 20.12 -17.41
N LEU E 100 21.75 18.81 -17.40
CA LEU E 100 20.47 18.39 -16.86
C LEU E 100 20.38 18.78 -15.40
N GLU E 101 21.51 18.72 -14.70
CA GLU E 101 21.56 18.92 -13.26
C GLU E 101 21.19 20.33 -12.84
N VAL E 102 21.17 21.28 -13.77
CA VAL E 102 20.94 22.66 -13.37
C VAL E 102 19.45 22.97 -13.33
N ASN E 103 18.66 22.40 -14.24
CA ASN E 103 17.22 22.47 -14.02
C ASN E 103 16.71 21.09 -13.60
N LYS E 104 17.28 20.57 -12.52
CA LYS E 104 16.82 19.31 -11.94
C LYS E 104 15.48 19.55 -11.27
N GLY E 105 14.67 18.48 -11.23
CA GLY E 105 13.35 18.51 -10.64
C GLY E 105 12.32 19.42 -11.27
N HIS E 106 12.65 20.08 -12.37
CA HIS E 106 11.75 21.04 -12.99
C HIS E 106 11.00 20.36 -14.13
N GLU E 107 9.81 20.88 -14.42
CA GLU E 107 9.10 20.43 -15.61
C GLU E 107 9.91 20.79 -16.84
N MET E 108 10.39 19.77 -17.55
CA MET E 108 11.25 19.87 -18.73
C MET E 108 10.97 21.11 -19.59
N SER E 109 11.93 22.04 -19.64
CA SER E 109 11.79 23.24 -20.46
C SER E 109 12.03 22.94 -21.95
N PRO E 110 11.54 23.82 -22.83
CA PRO E 110 11.86 23.70 -24.26
C PRO E 110 13.35 23.66 -24.55
N GLN E 111 14.16 24.26 -23.68
CA GLN E 111 15.60 24.25 -23.87
C GLN E 111 16.15 22.84 -23.68
N VAL E 112 15.89 22.25 -22.51
CA VAL E 112 16.35 20.87 -22.29
C VAL E 112 15.68 19.94 -23.28
N ALA E 113 14.45 20.26 -23.68
CA ALA E 113 13.78 19.55 -24.75
C ALA E 113 14.65 19.47 -26.00
N THR E 114 14.98 20.63 -26.57
CA THR E 114 15.84 20.64 -27.75
C THR E 114 17.25 20.13 -27.43
N LEU E 115 17.79 20.43 -26.23
CA LEU E 115 19.10 19.89 -25.83
C LEU E 115 19.14 18.37 -25.90
N ILE E 116 18.09 17.71 -25.41
CA ILE E 116 18.06 16.25 -25.42
C ILE E 116 17.88 15.74 -26.84
N ASP E 117 16.97 16.38 -27.58
CA ASP E 117 16.81 16.07 -29.00
C ASP E 117 18.12 16.29 -29.74
N ARG E 118 18.76 17.44 -29.49
CA ARG E 118 20.06 17.71 -30.10
C ARG E 118 21.07 16.64 -29.74
N PHE E 119 21.08 16.19 -28.48
CA PHE E 119 22.04 15.18 -28.09
C PHE E 119 21.86 13.88 -28.87
N VAL E 120 20.61 13.42 -29.00
CA VAL E 120 20.37 12.08 -29.55
C VAL E 120 20.59 12.06 -31.06
N LYS E 121 19.98 12.98 -31.79
CA LYS E 121 20.33 13.12 -33.20
C LYS E 121 21.77 13.58 -33.19
N GLY E 122 22.71 12.67 -33.32
CA GLY E 122 24.09 13.01 -33.07
C GLY E 122 24.64 11.94 -32.18
N ARG E 123 23.82 10.92 -32.05
CA ARG E 123 24.27 9.60 -31.65
C ARG E 123 23.48 8.64 -32.54
N GLY E 124 22.41 9.17 -33.13
CA GLY E 124 21.56 8.38 -33.98
C GLY E 124 20.58 7.52 -33.25
N GLN E 125 20.79 7.26 -31.96
CA GLN E 125 20.01 6.29 -31.24
C GLN E 125 19.70 6.78 -29.84
N LEU E 126 18.85 6.03 -29.14
CA LEU E 126 18.73 6.14 -27.70
C LEU E 126 19.69 5.19 -26.98
N ASP E 127 20.69 4.68 -27.70
CA ASP E 127 21.79 3.84 -27.24
C ASP E 127 21.46 2.86 -26.09
N LYS E 128 21.35 3.38 -24.86
CA LYS E 128 21.23 2.60 -23.62
C LYS E 128 21.71 3.52 -22.51
N ASP E 129 22.97 3.96 -22.64
CA ASP E 129 23.55 4.93 -21.70
C ASP E 129 22.80 6.26 -21.70
N THR E 130 22.43 6.77 -22.87
CA THR E 130 21.65 8.00 -22.90
C THR E 130 20.36 7.81 -22.12
N LEU E 131 19.68 6.68 -22.33
CA LEU E 131 18.40 6.48 -21.67
C LEU E 131 18.57 6.34 -20.17
N ASP E 132 19.58 5.59 -19.72
CA ASP E 132 19.90 5.54 -18.30
C ASP E 132 20.00 6.94 -17.74
N THR E 133 20.85 7.76 -18.38
CA THR E 133 21.08 9.13 -17.92
C THR E 133 19.81 9.95 -17.93
N LEU E 134 18.97 9.76 -18.95
CA LEU E 134 17.76 10.59 -19.06
C LEU E 134 16.72 10.16 -18.05
N THR E 135 16.46 8.84 -17.97
CA THR E 135 15.45 8.36 -17.05
C THR E 135 15.86 8.66 -15.62
N ALA E 136 17.17 8.80 -15.38
CA ALA E 136 17.66 9.21 -14.08
C ALA E 136 17.16 10.61 -13.70
N PHE E 137 17.05 11.54 -14.66
CA PHE E 137 16.65 12.91 -14.33
C PHE E 137 15.19 13.18 -14.59
N TYR E 138 14.61 12.49 -15.58
CA TYR E 138 13.20 12.61 -15.94
C TYR E 138 12.70 11.18 -16.01
N PRO E 139 12.03 10.68 -14.97
CA PRO E 139 11.69 9.24 -14.95
C PRO E 139 10.63 8.84 -15.97
N GLY E 140 9.55 9.60 -16.03
CA GLY E 140 8.47 9.28 -16.94
C GLY E 140 8.86 9.57 -18.37
N TYR E 141 10.17 9.60 -18.62
CA TYR E 141 10.67 10.04 -19.91
C TYR E 141 10.32 9.06 -21.00
N LEU E 142 10.60 7.77 -20.77
CA LEU E 142 10.35 6.79 -21.81
C LEU E 142 8.90 6.82 -22.28
N CYS E 143 7.96 6.87 -21.33
CA CYS E 143 6.54 6.94 -21.68
C CYS E 143 6.10 8.35 -22.01
N SER E 144 6.91 9.36 -21.72
CA SER E 144 6.62 10.66 -22.29
C SER E 144 6.91 10.74 -23.78
N LEU E 145 7.37 9.67 -24.43
CA LEU E 145 7.65 9.77 -25.86
C LEU E 145 6.34 9.62 -26.61
N SER E 146 6.37 9.00 -27.80
CA SER E 146 5.12 8.75 -28.50
C SER E 146 5.39 7.71 -29.57
N PRO E 147 4.46 6.75 -29.79
CA PRO E 147 4.80 5.50 -30.47
C PRO E 147 5.63 5.70 -31.73
N GLU E 148 5.53 6.90 -32.32
CA GLU E 148 6.39 7.26 -33.45
C GLU E 148 7.85 7.21 -33.05
N GLU E 149 8.22 7.97 -32.03
CA GLU E 149 9.61 7.93 -31.56
C GLU E 149 10.00 6.54 -31.13
N LEU E 150 9.15 5.90 -30.35
CA LEU E 150 9.46 4.61 -29.76
C LEU E 150 9.76 3.56 -30.83
N SER E 151 9.16 3.68 -32.02
CA SER E 151 9.44 2.66 -33.02
C SER E 151 10.91 2.63 -33.41
N SER E 152 11.65 3.68 -33.07
CA SER E 152 13.04 3.88 -33.49
C SER E 152 14.07 3.39 -32.47
N VAL E 153 13.80 3.48 -31.18
CA VAL E 153 14.81 3.11 -30.19
C VAL E 153 15.14 1.63 -30.33
N PRO E 154 16.42 1.25 -30.35
CA PRO E 154 16.80 -0.12 -30.71
C PRO E 154 16.56 -1.06 -29.56
N PRO E 155 16.37 -2.36 -29.83
CA PRO E 155 16.14 -3.31 -28.73
C PRO E 155 17.24 -3.31 -27.69
N SER E 156 18.50 -3.24 -28.11
CA SER E 156 19.63 -3.14 -27.18
C SER E 156 19.36 -2.14 -26.07
N SER E 157 18.67 -1.05 -26.43
CA SER E 157 18.40 0.05 -25.51
C SER E 157 17.44 -0.33 -24.39
N ILE E 158 16.67 -1.41 -24.56
CA ILE E 158 15.61 -1.70 -23.61
C ILE E 158 16.19 -1.99 -22.24
N TRP E 159 17.42 -2.53 -22.20
CA TRP E 159 18.08 -2.93 -20.96
C TRP E 159 18.17 -1.83 -19.93
N ALA E 160 17.82 -0.61 -20.30
CA ALA E 160 17.92 0.55 -19.43
C ALA E 160 16.64 0.92 -18.71
N VAL E 161 15.52 0.29 -19.05
CA VAL E 161 14.25 0.67 -18.45
C VAL E 161 14.00 -0.25 -17.26
N ARG E 162 13.65 0.30 -16.23
CA ARG E 162 13.27 -0.21 -14.94
C ARG E 162 11.76 -0.29 -14.87
N PRO E 163 11.20 -1.27 -14.14
CA PRO E 163 9.75 -1.53 -14.25
C PRO E 163 8.86 -0.34 -13.95
N GLN E 164 9.22 0.52 -12.98
CA GLN E 164 8.37 1.68 -12.64
C GLN E 164 8.36 2.75 -13.71
N ASP E 165 9.16 2.59 -14.77
CA ASP E 165 9.24 3.59 -15.81
C ASP E 165 8.13 3.43 -16.84
N LEU E 166 7.59 2.22 -16.98
CA LEU E 166 6.46 1.93 -17.85
C LEU E 166 5.12 2.31 -17.22
N ASP E 167 5.12 2.89 -16.02
CA ASP E 167 3.87 3.14 -15.30
C ASP E 167 3.01 4.20 -15.97
N THR E 168 3.59 5.19 -16.63
CA THR E 168 2.78 6.19 -17.32
C THR E 168 2.51 5.80 -18.78
N CYS E 169 2.76 4.54 -19.14
CA CYS E 169 2.62 4.08 -20.51
C CYS E 169 1.19 3.66 -20.82
N ASP E 170 0.65 4.12 -21.95
CA ASP E 170 -0.65 3.65 -22.40
C ASP E 170 -0.47 2.52 -23.39
N PRO E 171 -1.52 1.73 -23.67
CA PRO E 171 -1.27 0.45 -24.35
C PRO E 171 -0.70 0.60 -25.74
N ARG E 172 -0.89 1.75 -26.38
CA ARG E 172 -0.33 1.93 -27.71
C ARG E 172 1.19 2.02 -27.64
N GLN E 173 1.72 2.52 -26.53
CA GLN E 173 3.17 2.54 -26.38
C GLN E 173 3.70 1.15 -26.12
N LEU E 174 3.08 0.42 -25.19
CA LEU E 174 3.53 -0.94 -24.92
C LEU E 174 3.42 -1.81 -26.17
N ASP E 175 2.52 -1.45 -27.09
CA ASP E 175 2.33 -2.25 -28.29
C ASP E 175 3.62 -2.31 -29.09
N VAL E 176 4.38 -1.21 -29.14
CA VAL E 176 5.69 -1.20 -29.80
C VAL E 176 6.83 -1.52 -28.84
N LEU E 177 6.65 -1.32 -27.52
CA LEU E 177 7.72 -1.60 -26.56
C LEU E 177 7.91 -3.09 -26.33
N TYR E 178 6.82 -3.84 -26.13
CA TYR E 178 6.95 -5.26 -25.85
C TYR E 178 7.67 -6.02 -26.95
N PRO E 179 7.28 -5.93 -28.21
CA PRO E 179 8.02 -6.67 -29.24
C PRO E 179 9.49 -6.34 -29.26
N LYS E 180 9.83 -5.11 -28.82
CA LYS E 180 11.22 -4.69 -28.67
C LYS E 180 11.88 -5.38 -27.48
N ALA E 181 11.17 -5.48 -26.36
CA ALA E 181 11.72 -6.19 -25.21
C ALA E 181 11.89 -7.67 -25.51
N ARG E 182 10.90 -8.28 -26.17
CA ARG E 182 11.02 -9.69 -26.53
C ARG E 182 12.30 -9.91 -27.32
N LEU E 183 12.62 -8.97 -28.21
CA LEU E 183 13.87 -9.00 -28.97
C LEU E 183 15.07 -8.82 -28.05
N ALA E 184 14.98 -7.86 -27.11
CA ALA E 184 16.10 -7.51 -26.23
C ALA E 184 16.46 -8.63 -25.26
N PHE E 185 15.56 -9.59 -25.02
CA PHE E 185 15.72 -10.54 -23.93
C PHE E 185 15.69 -12.00 -24.36
N GLN E 186 15.40 -12.30 -25.63
CA GLN E 186 15.15 -13.68 -26.05
C GLN E 186 16.31 -14.61 -25.72
N ASN E 187 17.54 -14.08 -25.67
CA ASN E 187 18.69 -14.92 -25.35
C ASN E 187 18.60 -15.51 -23.94
N MET E 188 17.72 -14.99 -23.10
CA MET E 188 17.56 -15.53 -21.77
C MET E 188 16.66 -16.76 -21.79
N ASN E 189 16.70 -17.49 -20.68
CA ASN E 189 16.12 -18.83 -20.61
C ASN E 189 14.64 -18.82 -20.20
N GLY E 190 14.40 -18.63 -18.91
CA GLY E 190 13.10 -18.87 -18.32
C GLY E 190 12.83 -17.97 -17.14
N SER E 191 13.14 -18.44 -15.93
CA SER E 191 12.93 -17.64 -14.72
C SER E 191 13.63 -16.29 -14.80
N GLU E 192 14.75 -16.21 -15.51
CA GLU E 192 15.41 -14.92 -15.70
C GLU E 192 14.72 -14.10 -16.79
N TYR E 193 14.27 -14.74 -17.87
CA TYR E 193 13.52 -14.04 -18.91
C TYR E 193 12.29 -13.33 -18.33
N PHE E 194 11.48 -14.07 -17.56
CA PHE E 194 10.22 -13.50 -17.08
C PHE E 194 10.44 -12.21 -16.29
N VAL E 195 11.41 -12.21 -15.37
CA VAL E 195 11.48 -11.07 -14.46
C VAL E 195 11.77 -9.81 -15.26
N LYS E 196 12.41 -9.96 -16.41
CA LYS E 196 12.67 -8.83 -17.27
C LYS E 196 11.40 -8.42 -18.03
N ILE E 197 10.77 -9.38 -18.74
CA ILE E 197 9.65 -9.10 -19.65
C ILE E 197 8.41 -8.64 -18.90
N GLN E 198 8.22 -9.13 -17.68
CA GLN E 198 7.09 -8.87 -16.80
C GLN E 198 6.47 -7.49 -16.97
N SER E 199 7.26 -6.45 -16.84
CA SER E 199 6.71 -5.10 -16.88
C SER E 199 6.14 -4.73 -18.24
N PHE E 200 6.59 -5.40 -19.30
CA PHE E 200 6.18 -5.11 -20.67
C PHE E 200 4.98 -5.91 -21.14
N LEU E 201 4.46 -6.82 -20.32
CA LEU E 201 3.44 -7.73 -20.81
C LEU E 201 2.11 -7.03 -21.07
N GLY E 202 1.94 -5.79 -20.60
CA GLY E 202 0.74 -5.05 -20.92
C GLY E 202 0.44 -4.97 -22.41
N GLY E 203 1.43 -5.32 -23.23
CA GLY E 203 1.26 -5.40 -24.65
C GLY E 203 1.61 -6.79 -25.14
N ALA E 204 1.28 -7.73 -24.40
CA ALA E 204 1.56 -9.01 -25.02
C ALA E 204 0.28 -9.62 -25.60
N PRO E 205 0.41 -10.49 -26.60
CA PRO E 205 -0.75 -11.24 -27.12
C PRO E 205 -0.90 -12.59 -26.43
N THR E 206 -2.09 -13.16 -26.60
CA THR E 206 -2.38 -14.45 -25.97
C THR E 206 -1.39 -15.53 -26.38
N GLU E 207 -0.98 -15.56 -27.65
CA GLU E 207 -0.03 -16.60 -28.09
C GLU E 207 1.15 -16.69 -27.13
N ASP E 208 1.62 -15.53 -26.65
CA ASP E 208 2.83 -15.47 -25.84
C ASP E 208 2.53 -15.75 -24.39
N LEU E 209 1.38 -15.27 -23.89
CA LEU E 209 0.95 -15.60 -22.53
C LEU E 209 0.82 -17.10 -22.34
N LYS E 210 0.12 -17.77 -23.26
CA LYS E 210 0.08 -19.22 -23.25
C LYS E 210 1.47 -19.82 -23.05
N ALA E 211 2.45 -19.36 -23.83
CA ALA E 211 3.81 -19.90 -23.73
C ALA E 211 4.40 -19.65 -22.35
N LEU E 212 4.06 -18.53 -21.73
CA LEU E 212 4.54 -18.25 -20.38
C LEU E 212 3.97 -19.25 -19.38
N SER E 213 2.67 -19.52 -19.45
CA SER E 213 2.09 -20.52 -18.56
C SER E 213 2.84 -21.85 -18.67
N GLN E 214 3.22 -22.25 -19.89
CA GLN E 214 3.96 -23.48 -20.11
C GLN E 214 5.35 -23.44 -19.47
N GLN E 215 5.74 -22.28 -18.90
CA GLN E 215 6.95 -22.10 -18.11
C GLN E 215 6.60 -22.18 -16.62
N ASN E 216 7.63 -22.12 -15.77
CA ASN E 216 7.44 -22.16 -14.32
C ASN E 216 6.96 -20.84 -13.73
N VAL E 217 6.85 -19.77 -14.54
CA VAL E 217 6.63 -18.39 -14.09
C VAL E 217 5.56 -18.29 -13.00
N SER E 218 5.81 -17.48 -11.98
CA SER E 218 4.87 -17.29 -10.91
C SER E 218 4.36 -15.84 -10.94
N MET E 219 3.58 -15.55 -11.98
CA MET E 219 3.13 -14.18 -12.19
C MET E 219 2.27 -13.71 -11.01
N ASP E 220 2.54 -12.50 -10.52
CA ASP E 220 1.72 -11.98 -9.44
C ASP E 220 0.44 -11.37 -9.99
N LEU E 221 -0.57 -11.26 -9.12
CA LEU E 221 -1.82 -10.66 -9.55
C LEU E 221 -1.61 -9.22 -9.94
N ALA E 222 -0.73 -8.52 -9.22
CA ALA E 222 -0.54 -7.11 -9.51
C ALA E 222 -0.22 -6.89 -10.97
N THR E 223 0.71 -7.68 -11.53
CA THR E 223 1.05 -7.50 -12.93
C THR E 223 0.05 -8.17 -13.86
N PHE E 224 -0.57 -9.28 -13.44
CA PHE E 224 -1.58 -9.93 -14.28
C PHE E 224 -2.71 -8.97 -14.61
N MET E 225 -3.15 -8.20 -13.62
CA MET E 225 -4.14 -7.14 -13.82
C MET E 225 -3.76 -6.10 -14.88
N LYS E 226 -2.47 -5.99 -15.21
CA LYS E 226 -1.96 -5.06 -16.21
C LYS E 226 -1.98 -5.66 -17.61
N LEU E 227 -2.15 -6.98 -17.75
CA LEU E 227 -2.20 -7.64 -19.05
C LEU E 227 -3.29 -7.02 -19.90
N ARG E 228 -3.32 -7.40 -21.18
CA ARG E 228 -4.31 -6.84 -22.09
C ARG E 228 -5.71 -7.25 -21.62
N THR E 229 -6.46 -7.96 -22.44
CA THR E 229 -7.80 -8.41 -22.03
C THR E 229 -8.16 -9.47 -23.01
N ASP E 230 -8.19 -9.09 -24.29
CA ASP E 230 -8.18 -10.07 -25.37
C ASP E 230 -7.03 -11.05 -25.19
N ALA E 231 -6.06 -10.69 -24.35
CA ALA E 231 -4.94 -11.58 -24.14
C ALA E 231 -5.26 -12.58 -23.05
N VAL E 232 -5.99 -12.16 -22.02
CA VAL E 232 -6.35 -13.11 -20.97
C VAL E 232 -7.51 -14.01 -21.42
N LEU E 233 -8.49 -13.43 -22.16
CA LEU E 233 -9.76 -14.09 -22.46
C LEU E 233 -9.60 -15.54 -22.93
N PRO E 234 -8.85 -15.82 -23.98
CA PRO E 234 -8.71 -17.23 -24.38
C PRO E 234 -7.80 -18.09 -23.53
N LEU E 235 -7.57 -17.74 -22.28
CA LEU E 235 -6.66 -18.56 -21.49
C LEU E 235 -7.49 -19.59 -20.74
N THR E 236 -7.20 -20.87 -20.96
CA THR E 236 -7.89 -21.90 -20.22
C THR E 236 -7.58 -21.76 -18.73
N VAL E 237 -8.57 -22.09 -17.90
CA VAL E 237 -8.43 -22.06 -16.44
C VAL E 237 -7.18 -22.81 -16.01
N ALA E 238 -6.81 -23.87 -16.73
CA ALA E 238 -5.52 -24.51 -16.44
C ALA E 238 -4.37 -23.56 -16.74
N GLU E 239 -4.47 -22.83 -17.85
CA GLU E 239 -3.41 -21.91 -18.23
C GLU E 239 -3.29 -20.80 -17.20
N VAL E 240 -4.41 -20.19 -16.82
CA VAL E 240 -4.35 -19.11 -15.85
C VAL E 240 -3.79 -19.61 -14.52
N GLN E 241 -4.18 -20.80 -14.11
CA GLN E 241 -3.63 -21.35 -12.88
C GLN E 241 -2.14 -21.60 -13.01
N LYS E 242 -1.74 -22.31 -14.07
CA LYS E 242 -0.32 -22.59 -14.26
C LYS E 242 0.47 -21.30 -14.36
N LEU E 243 -0.18 -20.22 -14.82
CA LEU E 243 0.47 -18.92 -14.99
C LEU E 243 0.61 -18.18 -13.67
N LEU E 244 -0.50 -18.01 -12.94
CA LEU E 244 -0.45 -17.33 -11.66
C LEU E 244 0.23 -18.12 -10.57
N GLY E 245 0.65 -19.35 -10.84
CA GLY E 245 1.32 -20.17 -9.86
C GLY E 245 0.70 -20.09 -8.47
N PRO E 246 1.49 -19.71 -7.49
CA PRO E 246 1.00 -19.66 -6.12
C PRO E 246 0.23 -18.41 -5.78
N HIS E 247 -0.26 -17.69 -6.79
CA HIS E 247 -0.97 -16.45 -6.52
C HIS E 247 -2.45 -16.55 -6.85
N VAL E 248 -2.93 -17.74 -7.27
CA VAL E 248 -4.28 -17.90 -7.76
C VAL E 248 -5.29 -17.32 -6.79
N GLU E 249 -5.10 -17.56 -5.50
CA GLU E 249 -6.10 -17.11 -4.55
C GLU E 249 -6.42 -15.64 -4.74
N GLY E 250 -5.50 -14.88 -5.34
CA GLY E 250 -5.78 -13.48 -5.60
C GLY E 250 -7.02 -13.27 -6.42
N LEU E 251 -7.32 -14.20 -7.33
CA LEU E 251 -8.41 -14.05 -8.29
C LEU E 251 -9.72 -13.69 -7.61
N LYS E 252 -10.05 -14.37 -6.52
CA LYS E 252 -11.31 -14.06 -5.84
C LYS E 252 -11.33 -12.64 -5.32
N ALA E 253 -10.19 -12.12 -4.89
CA ALA E 253 -10.20 -10.75 -4.40
C ALA E 253 -10.46 -9.78 -5.54
N GLU E 254 -9.93 -10.08 -6.72
CA GLU E 254 -10.11 -9.22 -7.87
C GLU E 254 -11.21 -9.73 -8.78
N GLU E 255 -12.22 -10.32 -8.15
CA GLU E 255 -13.32 -10.95 -8.88
C GLU E 255 -14.06 -9.94 -9.74
N ARG E 256 -14.14 -8.70 -9.27
CA ARG E 256 -14.97 -7.65 -9.85
C ARG E 256 -14.22 -6.81 -10.88
N HIS E 257 -12.97 -6.44 -10.57
CA HIS E 257 -12.19 -5.56 -11.43
C HIS E 257 -11.54 -6.06 -12.73
N ARG E 258 -10.84 -5.11 -13.33
CA ARG E 258 -10.02 -5.24 -14.55
C ARG E 258 -10.30 -6.37 -15.51
N PRO E 259 -9.23 -7.08 -15.94
CA PRO E 259 -9.43 -8.14 -16.93
C PRO E 259 -9.83 -9.48 -16.35
N VAL E 260 -10.19 -9.51 -15.07
CA VAL E 260 -10.47 -10.76 -14.39
C VAL E 260 -11.93 -11.09 -14.51
N ARG E 261 -12.79 -10.11 -14.17
CA ARG E 261 -14.23 -10.18 -14.42
C ARG E 261 -14.53 -10.71 -15.82
N ASP E 262 -13.97 -10.07 -16.83
CA ASP E 262 -14.17 -10.53 -18.21
C ASP E 262 -13.75 -11.97 -18.39
N TRP E 263 -12.70 -12.40 -17.69
CA TRP E 263 -12.25 -13.77 -17.92
C TRP E 263 -13.14 -14.75 -17.19
N ILE E 264 -13.58 -14.38 -15.98
CA ILE E 264 -14.55 -15.15 -15.22
C ILE E 264 -15.74 -15.38 -16.12
N LEU E 265 -16.42 -14.28 -16.47
CA LEU E 265 -17.71 -14.35 -17.17
C LEU E 265 -17.66 -15.24 -18.39
N ARG E 266 -16.52 -15.33 -19.07
CA ARG E 266 -16.45 -16.15 -20.27
C ARG E 266 -16.11 -17.61 -19.96
N GLN E 267 -16.14 -18.04 -18.70
CA GLN E 267 -15.70 -19.38 -18.36
C GLN E 267 -16.89 -20.22 -17.91
N ARG E 268 -16.84 -21.52 -18.24
CA ARG E 268 -17.90 -22.42 -17.80
C ARG E 268 -17.90 -22.52 -16.28
N GLN E 269 -19.03 -22.15 -15.66
CA GLN E 269 -19.08 -22.05 -14.21
C GLN E 269 -18.62 -23.31 -13.50
N ASP E 270 -18.67 -24.47 -14.13
CA ASP E 270 -18.11 -25.66 -13.47
C ASP E 270 -16.62 -25.81 -13.70
N ASP E 271 -16.00 -24.85 -14.36
CA ASP E 271 -14.54 -24.78 -14.45
C ASP E 271 -13.96 -23.86 -13.39
N LEU E 272 -14.65 -22.78 -13.04
CA LEU E 272 -14.24 -21.99 -11.90
C LEU E 272 -14.24 -22.79 -10.60
N ASP E 273 -15.04 -23.86 -10.55
CA ASP E 273 -15.05 -24.74 -9.40
C ASP E 273 -13.67 -25.37 -9.19
N THR E 274 -13.01 -25.76 -10.29
CA THR E 274 -11.71 -26.39 -10.18
C THR E 274 -10.69 -25.51 -9.46
N LEU E 275 -11.01 -24.25 -9.23
CA LEU E 275 -10.06 -23.34 -8.62
C LEU E 275 -10.12 -23.28 -7.10
N GLY E 276 -10.87 -24.16 -6.44
CA GLY E 276 -11.21 -23.84 -5.06
C GLY E 276 -11.86 -22.49 -5.11
N LEU E 277 -11.39 -21.57 -4.27
CA LEU E 277 -11.56 -20.14 -4.52
C LEU E 277 -12.98 -19.62 -4.49
N GLY E 278 -13.93 -20.38 -4.99
CA GLY E 278 -15.32 -20.00 -4.88
C GLY E 278 -15.66 -18.79 -5.73
N LEU E 279 -15.46 -18.92 -7.04
CA LEU E 279 -15.75 -17.84 -7.98
C LEU E 279 -17.13 -18.12 -8.51
N GLN E 280 -18.01 -17.14 -8.37
CA GLN E 280 -19.37 -17.25 -8.90
C GLN E 280 -19.54 -16.28 -10.07
N GLY E 281 -20.40 -16.64 -11.01
CA GLY E 281 -20.68 -15.80 -12.18
C GLY E 281 -20.36 -16.40 -13.53
N GLY E 282 -19.93 -17.65 -13.59
CA GLY E 282 -19.65 -18.27 -14.87
C GLY E 282 -20.90 -18.53 -15.67
N ILE E 283 -20.68 -19.12 -16.83
CA ILE E 283 -21.79 -19.49 -17.70
C ILE E 283 -22.23 -20.84 -17.15
N PRO E 284 -23.50 -21.03 -16.78
CA PRO E 284 -23.88 -22.25 -16.05
C PRO E 284 -24.11 -23.48 -16.93
N ASN E 285 -24.15 -24.63 -16.27
CA ASN E 285 -24.32 -25.94 -16.93
C ASN E 285 -25.75 -26.14 -17.46
N VAL F 2 21.04 16.95 -3.46
CA VAL F 2 19.77 17.53 -3.05
C VAL F 2 19.95 18.43 -1.83
N GLN F 3 20.85 18.06 -0.90
CA GLN F 3 21.02 18.76 0.38
C GLN F 3 22.50 18.96 0.75
N LEU F 4 22.70 19.88 1.70
CA LEU F 4 24.00 20.37 2.14
C LEU F 4 24.03 20.75 3.62
N VAL F 5 25.20 20.65 4.25
CA VAL F 5 25.36 20.79 5.71
C VAL F 5 26.30 21.95 6.02
N GLU F 6 25.84 22.90 6.83
CA GLU F 6 26.62 24.08 7.22
C GLU F 6 27.12 23.94 8.66
N SER F 7 28.04 23.01 8.88
CA SER F 7 28.59 22.81 10.22
C SER F 7 29.51 23.95 10.60
N GLY F 8 30.47 23.70 11.49
CA GLY F 8 31.49 24.69 11.75
C GLY F 8 31.10 25.89 12.60
N GLY F 9 29.88 26.40 12.39
CA GLY F 9 29.54 27.72 12.87
C GLY F 9 29.62 27.86 14.39
N GLY F 10 29.84 29.09 14.80
CA GLY F 10 30.00 29.47 16.18
C GLY F 10 30.81 30.75 16.27
N VAL F 11 30.63 31.47 17.39
CA VAL F 11 31.36 32.72 17.61
C VAL F 11 32.54 32.41 18.53
N VAL F 12 33.63 33.15 18.34
CA VAL F 12 34.85 32.95 19.11
C VAL F 12 35.44 34.33 19.38
N GLN F 13 36.25 34.42 20.46
CA GLN F 13 36.79 35.70 20.89
C GLN F 13 37.58 36.34 19.75
N PRO F 14 37.39 37.64 19.50
CA PRO F 14 37.81 38.22 18.21
C PRO F 14 39.29 38.18 17.83
N GLY F 15 39.82 37.02 17.42
CA GLY F 15 41.19 36.99 16.93
C GLY F 15 41.87 35.66 16.64
N ARG F 16 41.30 34.55 17.10
CA ARG F 16 41.88 33.24 16.80
C ARG F 16 41.47 32.78 15.40
N SER F 17 41.48 31.47 15.16
CA SER F 17 41.08 30.92 13.86
C SER F 17 40.07 29.81 14.08
N ARG F 19 37.44 26.96 11.38
CA ARG F 19 37.09 26.49 10.04
C ARG F 19 35.70 25.87 9.98
N LEU F 20 35.01 26.11 8.87
CA LEU F 20 33.72 25.50 8.54
C LEU F 20 33.89 24.44 7.46
N SER F 21 32.83 23.67 7.25
CA SER F 21 32.84 22.67 6.19
C SER F 21 31.41 22.51 5.67
N CYS F 22 31.26 22.08 4.42
CA CYS F 22 29.94 21.92 3.81
C CYS F 22 29.86 20.60 3.05
N ALA F 23 28.98 19.71 3.50
CA ALA F 23 28.87 18.36 2.94
C ALA F 23 27.81 18.35 1.85
N ALA F 24 28.20 17.96 0.66
CA ALA F 24 27.30 17.96 -0.48
C ALA F 24 26.83 16.54 -0.79
N SER F 25 25.59 16.44 -1.29
CA SER F 25 24.97 15.16 -1.52
C SER F 25 24.01 15.26 -2.69
N GLY F 26 24.01 14.23 -3.53
CA GLY F 26 22.96 14.06 -4.52
C GLY F 26 23.23 14.75 -5.84
N PHE F 27 24.23 15.62 -5.91
CA PHE F 27 24.61 16.23 -7.16
C PHE F 27 26.11 16.05 -7.33
N THR F 28 26.52 15.80 -8.57
CA THR F 28 27.94 15.70 -8.89
C THR F 28 28.62 16.94 -8.31
N PHE F 29 29.38 16.73 -7.22
CA PHE F 29 29.94 17.86 -6.47
C PHE F 29 30.88 18.67 -7.34
N SER F 30 31.71 18.01 -8.16
CA SER F 30 32.75 18.72 -8.88
C SER F 30 32.16 19.80 -9.78
N SER F 31 31.16 19.45 -10.57
CA SER F 31 30.72 20.33 -11.63
C SER F 31 29.73 21.38 -11.14
N TYR F 32 29.95 21.91 -9.95
CA TYR F 32 29.22 23.08 -9.49
C TYR F 32 30.18 24.05 -8.83
N ALA F 33 30.07 25.32 -9.19
CA ALA F 33 30.79 26.38 -8.48
C ALA F 33 30.16 26.59 -7.11
N HIS F 35 29.85 28.38 -3.17
CA HIS F 35 29.91 29.71 -2.55
C HIS F 35 29.63 29.60 -1.05
N TRP F 36 30.27 30.46 -0.27
CA TRP F 36 29.91 30.70 1.13
C TRP F 36 29.25 32.08 1.22
N VAL F 37 28.10 32.16 1.89
CA VAL F 37 27.39 33.41 2.09
C VAL F 37 26.93 33.45 3.55
N ARG F 38 26.83 34.67 4.11
CA ARG F 38 26.63 34.92 5.55
C ARG F 38 25.34 35.73 5.79
N GLN F 39 24.60 35.37 6.84
CA GLN F 39 23.35 36.03 7.26
C GLN F 39 23.73 36.74 8.54
N ALA F 40 24.11 38.01 8.41
CA ALA F 40 24.51 38.81 9.55
C ALA F 40 23.28 39.37 10.25
N PRO F 41 23.16 39.19 11.57
CA PRO F 41 21.88 39.49 12.25
C PRO F 41 21.47 40.94 12.10
N GLY F 42 20.29 41.16 11.51
CA GLY F 42 19.81 42.51 11.32
C GLY F 42 20.28 43.16 10.04
N LYS F 43 21.24 42.55 9.34
CA LYS F 43 21.92 43.19 8.21
C LYS F 43 21.42 42.70 6.86
N GLY F 44 21.53 41.40 6.58
CA GLY F 44 21.08 40.93 5.29
C GLY F 44 21.98 39.86 4.72
N LEU F 45 21.89 39.69 3.40
CA LEU F 45 22.62 38.68 2.66
C LEU F 45 23.88 39.29 2.06
N GLU F 46 25.03 38.66 2.31
CA GLU F 46 26.29 39.21 1.83
C GLU F 46 27.18 38.09 1.30
N TRP F 47 27.77 38.30 0.12
CA TRP F 47 28.65 37.31 -0.50
C TRP F 47 30.04 37.29 0.15
N VAL F 48 30.60 36.08 0.29
CA VAL F 48 31.88 35.88 0.99
C VAL F 48 33.00 35.25 0.15
N SER F 49 32.78 34.06 -0.43
CA SER F 49 33.88 33.34 -1.08
C SER F 49 33.33 32.40 -2.16
N SER F 50 34.23 31.97 -3.05
CA SER F 50 33.88 31.09 -4.15
C SER F 50 35.08 30.26 -4.58
N ILE F 51 34.79 29.08 -5.11
CA ILE F 51 35.83 28.23 -5.69
C ILE F 51 35.23 27.59 -6.94
N SER F 52 36.00 27.57 -8.01
CA SER F 52 35.52 27.00 -9.25
C SER F 52 35.21 25.52 -9.08
N GLY F 53 34.48 24.97 -10.04
CA GLY F 53 34.17 23.55 -9.97
C GLY F 53 35.42 22.69 -10.03
N ASN F 54 36.45 23.15 -10.73
CA ASN F 54 37.68 22.38 -10.82
C ASN F 54 38.71 22.84 -9.78
N SER F 55 38.26 23.52 -8.73
CA SER F 55 39.05 23.90 -7.55
C SER F 55 40.26 24.77 -7.86
N LEU F 56 40.38 25.32 -9.06
CA LEU F 56 41.59 26.06 -9.43
C LEU F 56 41.53 27.55 -9.13
N TYR F 57 40.35 28.15 -9.15
CA TYR F 57 40.27 29.61 -9.09
C TYR F 57 39.42 29.94 -7.88
N LYS F 58 40.03 30.51 -6.88
CA LYS F 58 39.28 30.91 -5.71
C LYS F 58 39.10 32.41 -5.76
N TYR F 59 38.04 32.89 -5.12
CA TYR F 59 37.69 34.30 -5.14
C TYR F 59 37.16 34.69 -3.77
N TYR F 60 37.51 35.89 -3.30
CA TYR F 60 37.11 36.37 -1.97
C TYR F 60 36.67 37.82 -2.10
N ALA F 61 35.65 38.19 -1.32
CA ALA F 61 35.17 39.57 -1.28
C ALA F 61 36.19 40.49 -0.62
N ASP F 62 36.05 41.80 -0.91
CA ASP F 62 37.02 42.79 -0.44
C ASP F 62 37.09 42.85 1.09
N SER F 63 35.93 42.92 1.75
CA SER F 63 35.88 43.05 3.21
C SER F 63 36.53 41.89 3.97
N VAL F 64 36.88 40.80 3.30
CA VAL F 64 37.27 39.57 3.97
C VAL F 64 38.55 39.01 3.33
N LYS F 65 38.97 39.65 2.22
CA LYS F 65 40.11 39.22 1.43
C LYS F 65 41.37 38.99 2.28
N GLY F 66 42.09 37.92 1.95
CA GLY F 66 43.41 37.66 2.50
C GLY F 66 43.45 36.85 3.79
N ARG F 67 42.39 36.91 4.58
CA ARG F 67 42.35 36.24 5.87
C ARG F 67 41.75 34.85 5.80
N PHE F 68 40.90 34.59 4.80
CA PHE F 68 40.17 33.35 4.61
C PHE F 68 40.81 32.56 3.47
N THR F 69 40.75 31.24 3.54
CA THR F 69 41.25 30.40 2.44
C THR F 69 40.33 29.22 2.23
N ILE F 70 39.73 29.14 1.02
CA ILE F 70 38.73 28.13 0.67
C ILE F 70 39.36 27.02 -0.15
N SER F 71 38.93 25.79 0.09
CA SER F 71 39.35 24.63 -0.69
C SER F 71 38.18 23.67 -0.79
N ARG F 72 38.38 22.59 -1.53
CA ARG F 72 37.30 21.68 -1.87
C ARG F 72 37.85 20.28 -2.07
N ASP F 73 37.37 19.32 -1.28
CA ASP F 73 37.79 17.94 -1.40
C ASP F 73 36.76 17.18 -2.22
N ASP F 74 37.11 16.83 -3.46
CA ASP F 74 36.16 16.10 -4.30
C ASP F 74 35.98 14.66 -3.83
N SER F 75 36.99 14.08 -3.18
CA SER F 75 36.83 12.72 -2.67
C SER F 75 35.73 12.67 -1.61
N THR F 76 35.75 13.62 -0.68
CA THR F 76 34.78 13.63 0.41
C THR F 76 33.80 14.77 0.26
N ASN F 77 33.09 14.82 -0.88
CA ASN F 77 32.04 15.80 -1.22
C ASN F 77 31.79 16.90 -0.18
N THR F 78 32.86 17.60 0.24
CA THR F 78 32.73 18.67 1.20
C THR F 78 33.59 19.88 0.82
N LEU F 79 33.02 21.05 1.06
CA LEU F 79 33.64 22.33 0.79
C LEU F 79 33.91 23.03 2.11
N TYR F 80 35.10 23.62 2.23
CA TYR F 80 35.57 24.19 3.48
C TYR F 80 35.78 25.69 3.30
N LEU F 81 35.70 26.42 4.39
CA LEU F 81 36.12 27.82 4.40
C LEU F 81 36.91 28.02 5.68
N GLN F 82 38.22 28.24 5.55
CA GLN F 82 39.09 28.47 6.70
C GLN F 82 39.12 29.95 7.04
N ASN F 84 40.43 33.21 9.72
CA ASN F 84 41.44 33.69 10.65
C ASN F 84 41.06 35.10 11.07
N SER F 85 41.45 35.47 12.29
CA SER F 85 41.25 36.84 12.80
C SER F 85 39.77 37.24 12.83
N LEU F 86 38.94 36.37 13.41
CA LEU F 86 37.48 36.56 13.40
C LEU F 86 37.09 37.89 14.03
N ARG F 87 36.43 38.76 13.25
CA ARG F 87 35.99 40.06 13.70
C ARG F 87 34.52 40.08 14.12
N ALA F 88 34.02 41.28 14.42
CA ALA F 88 32.65 41.53 14.83
C ALA F 88 31.75 41.81 13.64
N GLU F 89 32.26 42.53 12.63
CA GLU F 89 31.51 42.70 11.40
C GLU F 89 31.24 41.37 10.74
N ASP F 90 31.99 40.34 11.13
CA ASP F 90 31.76 38.94 10.75
C ASP F 90 30.56 38.36 11.50
N THR F 91 30.87 37.53 12.50
CA THR F 91 29.99 36.66 13.29
C THR F 91 28.51 36.70 12.93
N ALA F 92 27.98 35.53 12.57
CA ALA F 92 26.63 35.37 12.06
C ALA F 92 26.39 33.90 11.78
N THR F 93 25.31 33.57 11.08
CA THR F 93 25.11 32.22 10.58
C THR F 93 25.67 32.11 9.15
N TYR F 94 26.48 31.08 8.89
CA TYR F 94 27.16 30.95 7.61
C TYR F 94 26.51 29.86 6.78
N TYR F 95 26.04 30.23 5.58
CA TYR F 95 25.37 29.30 4.68
C TYR F 95 26.24 29.09 3.45
N CYS F 96 26.14 27.89 2.89
CA CYS F 96 26.87 27.52 1.68
C CYS F 96 25.86 27.17 0.59
N THR F 97 26.09 27.67 -0.65
CA THR F 97 25.18 27.52 -1.78
C THR F 97 25.98 27.15 -3.03
N ARG F 98 25.27 26.80 -4.10
CA ARG F 98 25.94 26.51 -5.36
C ARG F 98 25.71 27.62 -6.40
N HIS F 99 25.20 28.77 -6.00
CA HIS F 99 24.95 29.87 -6.92
C HIS F 99 24.62 31.16 -6.22
N TRP F 100 25.43 32.20 -6.41
CA TRP F 100 25.05 33.53 -5.95
C TRP F 100 25.14 34.54 -7.07
N ALA F 101 24.15 35.42 -7.10
CA ALA F 101 24.12 36.55 -8.01
C ALA F 101 23.68 37.77 -7.21
N VAL F 102 24.31 38.90 -7.52
CA VAL F 102 24.24 40.09 -6.68
C VAL F 102 22.89 40.80 -6.79
N GLY F 103 22.43 41.34 -5.67
CA GLY F 103 21.25 42.20 -5.65
C GLY F 103 19.94 41.59 -6.10
N ASN F 104 19.66 40.35 -5.72
CA ASN F 104 18.43 39.67 -6.15
C ASN F 104 17.25 39.85 -5.22
N TRP F 105 17.45 40.41 -4.04
CA TRP F 105 16.40 40.39 -3.04
C TRP F 105 15.92 41.81 -2.77
N GLY F 106 14.68 41.91 -2.33
CA GLY F 106 14.12 43.18 -1.90
C GLY F 106 14.58 43.59 -0.52
N GLN F 107 13.83 44.55 0.04
CA GLN F 107 14.09 45.11 1.36
C GLN F 107 13.50 44.22 2.45
N GLY F 108 12.18 44.30 2.67
CA GLY F 108 11.52 43.48 3.66
C GLY F 108 10.09 43.89 3.95
N THR F 109 9.33 42.99 4.56
CA THR F 109 8.05 43.29 5.17
C THR F 109 7.92 42.46 6.45
N LEU F 110 7.25 43.01 7.47
CA LEU F 110 7.09 42.34 8.76
C LEU F 110 5.69 41.75 8.88
N VAL F 111 5.61 40.47 9.27
CA VAL F 111 4.33 39.79 9.47
C VAL F 111 4.22 39.29 10.91
N THR F 112 3.07 39.52 11.55
CA THR F 112 2.82 39.09 12.93
C THR F 112 1.62 38.11 13.04
#